data_8S72
#
_entry.id   8S72
#
_cell.length_a   294.846
_cell.length_b   294.846
_cell.length_c   99.525
_cell.angle_alpha   90.00
_cell.angle_beta   90.00
_cell.angle_gamma   120.00
#
_symmetry.space_group_name_H-M   'P 64 2 2'
#
loop_
_entity.id
_entity.type
_entity.pdbx_description
1 polymer 'Short neurotoxin 1'
2 polymer 'Heavy chain of Fab domain from antivenom neutralizing antibody Eq4.Dp46-3D.'
3 polymer 'Light chain of Fab domain from antivenom neutralizing antibody Eq4.Dp46-3D.'
4 water water
#
loop_
_entity_poly.entity_id
_entity_poly.type
_entity_poly.pdbx_seq_one_letter_code
_entity_poly.pdbx_strand_id
1 'polypeptide(L)' GPGGMICYNQQSSQPPTTKTCSETSCYKKTWRDHRGTIIERGCGCPKVKPGIKLHCCRTDKCNN N,A
2 'polypeptide(L)'
;(PCA)VQLTESGPGLVKPSQTLSLTCTVSGLSLTNNVAGSGWVRQAPGKGLEWIGDISGDGVTYYNPALKPRVSITKDTS
KSQVYLALNRLTGEDTAVYYCVGNADVYYWRDGEKYWGQGILVTVSSASTTAPKVFPLASHSAATSGSTVALGCLVSSYF
PEPVTVSWNSGALTSGVHTFPSVLQSSGLYSLSSMVTVPASSLKSQTYICNVAHPASSTKVDKKIVIKECGLEVLFQ
;
X,H
3 'polypeptide(L)'
;(PCA)SVTQPASVSGTLGQTVTISCSGSKSNIGDTPSYVGWFQQIPGTAPKTLIYGDGKRASGVPDRFSGSVSENTATLT
ISGVQAEDEADYWCASWDVNSDSEVFGGGTHLTVAGGPTSAPSVSLFPPSSEELSANKATVVCLISDFSPSGLEVIWKVN
DAVTNDRVQTTRPSKQSNGKYAASSYLTRTSTEWKSYSSVSCQVKHQGKTVEKKLSPSECP
;
Y,L
#
# COMPACT_ATOMS: atom_id res chain seq x y z
N GLY A 1 -18.58 -16.90 -0.48
CA GLY A 1 -20.02 -16.89 -0.83
C GLY A 1 -20.29 -16.61 -2.29
N PRO A 2 -21.56 -16.65 -2.68
CA PRO A 2 -21.89 -16.36 -4.08
C PRO A 2 -21.47 -14.97 -4.54
N GLY A 3 -21.76 -13.94 -3.73
CA GLY A 3 -21.43 -12.58 -4.07
C GLY A 3 -20.19 -12.02 -3.41
N GLY A 4 -19.48 -12.83 -2.65
CA GLY A 4 -18.33 -12.37 -1.90
C GLY A 4 -18.18 -13.20 -0.66
N MET A 5 -17.14 -12.90 0.12
CA MET A 5 -16.86 -13.70 1.30
C MET A 5 -17.96 -13.50 2.33
N ILE A 6 -18.52 -14.59 2.83
CA ILE A 6 -19.56 -14.53 3.85
C ILE A 6 -18.89 -14.64 5.21
N CYS A 7 -19.30 -13.81 6.16
CA CYS A 7 -18.54 -13.76 7.39
C CYS A 7 -19.36 -13.29 8.57
N TYR A 8 -18.97 -13.75 9.74
CA TYR A 8 -19.66 -13.38 10.97
C TYR A 8 -19.39 -11.92 11.30
N ASN A 9 -20.42 -11.26 11.84
CA ASN A 9 -20.30 -9.88 12.27
C ASN A 9 -20.90 -9.65 13.64
N GLN A 10 -21.37 -10.70 14.32
CA GLN A 10 -21.92 -10.55 15.65
C GLN A 10 -20.83 -10.08 16.61
N GLN A 11 -21.27 -9.62 17.78
CA GLN A 11 -20.38 -9.07 18.79
C GLN A 11 -20.37 -10.01 20.00
N SER A 12 -19.16 -10.32 20.49
CA SER A 12 -18.96 -11.10 21.71
C SER A 12 -19.67 -12.43 21.57
N SER A 13 -20.59 -12.80 22.46
CA SER A 13 -21.24 -14.10 22.43
C SER A 13 -22.69 -14.00 21.95
N GLN A 14 -22.97 -13.00 21.12
CA GLN A 14 -24.30 -12.85 20.57
C GLN A 14 -24.62 -14.00 19.60
N PRO A 15 -25.88 -14.19 19.27
CA PRO A 15 -26.24 -15.20 18.26
C PRO A 15 -25.51 -14.92 16.97
N PRO A 16 -24.90 -15.93 16.36
CA PRO A 16 -24.14 -15.70 15.13
C PRO A 16 -24.98 -15.03 14.05
N THR A 17 -24.41 -13.98 13.46
CA THR A 17 -24.99 -13.30 12.31
C THR A 17 -23.91 -13.22 11.25
N THR A 18 -24.30 -13.24 9.97
CA THR A 18 -23.34 -13.24 8.83
C THR A 18 -23.61 -12.06 7.90
N LYS A 19 -22.58 -11.62 7.17
CA LYS A 19 -22.67 -10.47 6.24
C LYS A 19 -21.88 -10.81 4.97
N THR A 20 -22.37 -10.43 3.79
CA THR A 20 -21.62 -10.63 2.53
C THR A 20 -20.59 -9.50 2.47
N CYS A 21 -19.38 -9.79 2.00
CA CYS A 21 -18.29 -8.83 2.04
C CYS A 21 -17.54 -8.85 0.73
N SER A 22 -17.17 -7.65 0.27
CA SER A 22 -16.35 -7.48 -0.91
C SER A 22 -14.88 -7.73 -0.62
N GLU A 23 -14.49 -7.71 0.64
CA GLU A 23 -13.12 -8.07 1.01
C GLU A 23 -12.94 -9.57 0.90
N THR A 24 -11.70 -9.98 0.61
CA THR A 24 -11.33 -11.39 0.59
C THR A 24 -10.77 -11.85 1.94
N SER A 25 -11.21 -11.22 3.03
CA SER A 25 -10.69 -11.50 4.36
C SER A 25 -11.78 -11.17 5.37
N CYS A 26 -11.61 -11.69 6.58
CA CYS A 26 -12.59 -11.51 7.63
C CYS A 26 -11.92 -11.60 8.99
N TYR A 27 -12.44 -10.84 9.95
CA TYR A 27 -11.69 -10.53 11.16
C TYR A 27 -12.53 -10.70 12.41
N LYS A 28 -11.81 -10.94 13.50
CA LYS A 28 -12.32 -11.07 14.87
C LYS A 28 -11.32 -10.34 15.77
N LYS A 29 -11.66 -9.14 16.21
CA LYS A 29 -10.92 -8.42 17.23
C LYS A 29 -11.40 -8.85 18.60
N THR A 30 -10.49 -8.88 19.57
CA THR A 30 -10.86 -9.13 20.96
C THR A 30 -10.03 -8.23 21.86
N TRP A 31 -10.69 -7.63 22.85
CA TRP A 31 -10.01 -6.79 23.83
C TRP A 31 -10.69 -6.95 25.17
N ARG A 32 -10.27 -6.14 26.15
CA ARG A 32 -10.79 -6.24 27.51
C ARG A 32 -11.33 -4.90 27.96
N ASP A 33 -12.32 -4.96 28.85
CA ASP A 33 -12.93 -3.79 29.46
C ASP A 33 -13.27 -4.12 30.90
N HIS A 34 -13.78 -3.13 31.64
CA HIS A 34 -14.34 -3.41 32.95
C HIS A 34 -15.45 -4.45 32.85
N ARG A 35 -16.12 -4.52 31.70
CA ARG A 35 -17.17 -5.51 31.48
C ARG A 35 -16.60 -6.89 31.17
N GLY A 36 -15.37 -6.98 30.69
CA GLY A 36 -14.79 -8.27 30.41
C GLY A 36 -14.24 -8.37 29.00
N THR A 37 -14.19 -9.59 28.46
CA THR A 37 -13.72 -9.77 27.09
C THR A 37 -14.79 -9.30 26.11
N ILE A 38 -14.37 -8.51 25.14
CA ILE A 38 -15.25 -7.98 24.11
C ILE A 38 -14.70 -8.44 22.75
N ILE A 39 -15.53 -9.13 21.98
CA ILE A 39 -15.18 -9.61 20.65
C ILE A 39 -15.99 -8.83 19.62
N GLU A 40 -15.38 -8.55 18.48
CA GLU A 40 -16.02 -7.85 17.38
C GLU A 40 -15.64 -8.54 16.08
N ARG A 41 -16.64 -8.86 15.26
CA ARG A 41 -16.42 -9.61 14.03
C ARG A 41 -16.87 -8.79 12.82
N GLY A 42 -16.20 -9.01 11.69
CA GLY A 42 -16.56 -8.30 10.48
C GLY A 42 -15.70 -8.75 9.32
N CYS A 43 -15.67 -7.94 8.26
CA CYS A 43 -14.88 -8.26 7.08
C CYS A 43 -13.64 -7.39 7.00
N GLY A 44 -12.75 -7.78 6.09
CA GLY A 44 -11.43 -7.21 6.03
C GLY A 44 -10.54 -7.76 7.11
N CYS A 45 -9.34 -7.18 7.19
CA CYS A 45 -8.41 -7.41 8.29
C CYS A 45 -7.90 -6.04 8.70
N PRO A 46 -8.60 -5.35 9.59
CA PRO A 46 -8.22 -3.98 9.93
C PRO A 46 -6.98 -3.93 10.80
N LYS A 47 -6.29 -2.80 10.72
CA LYS A 47 -5.24 -2.50 11.68
C LYS A 47 -5.88 -2.10 13.00
N VAL A 48 -5.28 -2.55 14.10
CA VAL A 48 -5.88 -2.41 15.42
C VAL A 48 -4.96 -1.58 16.30
N LYS A 49 -5.51 -1.17 17.47
CA LYS A 49 -4.70 -0.47 18.47
C LYS A 49 -3.99 -1.47 19.37
N PRO A 50 -2.82 -1.12 19.91
CA PRO A 50 -2.16 -2.02 20.86
C PRO A 50 -3.09 -2.33 22.03
N GLY A 51 -3.10 -3.60 22.42
CA GLY A 51 -4.05 -4.10 23.40
C GLY A 51 -5.16 -4.92 22.78
N ILE A 52 -5.41 -4.75 21.50
CA ILE A 52 -6.42 -5.51 20.77
C ILE A 52 -5.74 -6.70 20.12
N LYS A 53 -6.34 -7.88 20.27
CA LYS A 53 -5.87 -9.09 19.60
C LYS A 53 -6.68 -9.30 18.33
N LEU A 54 -6.01 -9.23 17.20
CA LEU A 54 -6.64 -9.36 15.89
C LEU A 54 -6.46 -10.78 15.36
N HIS A 55 -7.54 -11.38 14.90
CA HIS A 55 -7.52 -12.71 14.28
CA HIS A 55 -7.52 -12.70 14.27
C HIS A 55 -8.31 -12.62 12.98
N CYS A 56 -7.64 -12.74 11.84
CA CYS A 56 -8.36 -12.73 10.58
C CYS A 56 -7.95 -13.92 9.72
N CYS A 57 -8.83 -14.22 8.76
CA CYS A 57 -8.83 -15.47 8.03
C CYS A 57 -9.60 -15.25 6.74
N ARG A 58 -9.36 -16.13 5.76
CA ARG A 58 -9.82 -15.89 4.39
C ARG A 58 -10.61 -17.08 3.86
N THR A 59 -11.58 -17.56 4.64
CA THR A 59 -12.55 -18.53 4.15
C THR A 59 -13.92 -18.20 4.73
N ASP A 60 -14.96 -18.60 4.01
CA ASP A 60 -16.33 -18.31 4.42
C ASP A 60 -16.58 -18.77 5.84
N LYS A 61 -17.19 -17.88 6.63
CA LYS A 61 -17.59 -18.20 8.01
C LYS A 61 -16.42 -18.79 8.79
N CYS A 62 -15.25 -18.16 8.65
CA CYS A 62 -14.06 -18.58 9.38
C CYS A 62 -13.82 -17.79 10.64
N ASN A 63 -14.40 -16.59 10.76
CA ASN A 63 -14.13 -15.69 11.87
C ASN A 63 -15.09 -15.88 13.03
N ASN A 64 -15.40 -17.12 13.38
CA ASN A 64 -16.30 -17.40 14.49
C ASN A 64 -15.55 -17.27 15.82
N GLY B 1 10.92 -4.25 25.44
CA GLY B 1 11.26 -3.89 24.05
C GLY B 1 12.19 -2.69 23.98
N PRO B 2 13.47 -2.82 24.40
CA PRO B 2 14.37 -1.68 24.45
C PRO B 2 14.69 -1.19 23.04
N GLY B 3 14.96 -2.11 22.11
CA GLY B 3 15.31 -1.75 20.73
C GLY B 3 14.17 -2.03 19.76
N GLY B 4 12.99 -2.42 20.25
CA GLY B 4 11.88 -2.75 19.39
C GLY B 4 10.98 -3.77 20.07
N MET B 5 9.90 -4.11 19.38
CA MET B 5 8.93 -5.03 19.97
C MET B 5 9.52 -6.42 20.09
N ILE B 6 9.41 -7.02 21.26
CA ILE B 6 9.94 -8.36 21.51
C ILE B 6 8.81 -9.36 21.30
N CYS B 7 9.11 -10.47 20.63
CA CYS B 7 8.03 -11.37 20.25
C CYS B 7 8.51 -12.79 20.05
N TYR B 8 7.60 -13.73 20.28
CA TYR B 8 7.89 -15.14 20.16
C TYR B 8 8.12 -15.53 18.71
N ASN B 9 9.03 -16.49 18.50
CA ASN B 9 9.32 -17.02 17.18
C ASN B 9 9.38 -18.54 17.15
N GLN B 10 9.07 -19.21 18.26
CA GLN B 10 9.08 -20.67 18.27
C GLN B 10 8.06 -21.21 17.28
N GLN B 11 8.21 -22.49 16.96
CA GLN B 11 7.36 -23.17 16.00
C GLN B 11 6.52 -24.23 16.70
N SER B 12 5.21 -24.24 16.41
CA SER B 12 4.29 -25.26 16.91
C SER B 12 4.40 -25.31 18.42
N SER B 13 4.73 -26.43 19.04
CA SER B 13 4.81 -26.56 20.49
C SER B 13 6.25 -26.63 20.99
N GLN B 14 7.18 -26.07 20.22
CA GLN B 14 8.58 -26.06 20.61
C GLN B 14 8.78 -25.16 21.83
N PRO B 15 9.92 -25.29 22.51
CA PRO B 15 10.19 -24.42 23.67
C PRO B 15 10.11 -22.95 23.27
N PRO B 16 9.40 -22.13 24.04
CA PRO B 16 9.25 -20.72 23.67
C PRO B 16 10.59 -20.03 23.44
N THR B 17 10.68 -19.32 22.31
CA THR B 17 11.83 -18.50 21.96
C THR B 17 11.34 -17.11 21.55
N THR B 18 12.20 -16.11 21.71
CA THR B 18 11.83 -14.73 21.40
C THR B 18 12.93 -14.05 20.59
N LYS B 19 12.53 -13.00 19.89
CA LYS B 19 13.42 -12.18 19.08
C LYS B 19 12.93 -10.73 19.12
N THR B 20 13.88 -9.80 18.94
CA THR B 20 13.56 -8.38 18.87
C THR B 20 13.21 -8.01 17.42
N CYS B 21 12.27 -7.09 17.27
CA CYS B 21 11.71 -6.80 15.96
C CYS B 21 11.49 -5.31 15.78
N SER B 22 11.79 -4.83 14.57
CA SER B 22 11.56 -3.44 14.20
C SER B 22 10.10 -3.16 13.86
N GLU B 23 9.30 -4.19 13.60
CA GLU B 23 7.88 -4.00 13.39
C GLU B 23 7.18 -3.70 14.71
N THR B 24 6.09 -2.94 14.62
CA THR B 24 5.26 -2.65 15.79
C THR B 24 4.11 -3.65 15.95
N SER B 25 4.30 -4.87 15.46
CA SER B 25 3.26 -5.90 15.47
C SER B 25 3.94 -7.27 15.48
N CYS B 26 3.17 -8.28 15.84
CA CYS B 26 3.70 -9.63 15.94
C CYS B 26 2.60 -10.65 15.70
N TYR B 27 2.98 -11.78 15.12
CA TYR B 27 2.01 -12.67 14.48
C TYR B 27 2.22 -14.12 14.88
N LYS B 28 1.12 -14.84 14.74
CA LYS B 28 1.01 -16.28 14.98
C LYS B 28 0.15 -16.81 13.82
N LYS B 29 0.81 -17.42 12.84
CA LYS B 29 0.11 -18.15 11.79
C LYS B 29 -0.21 -19.54 12.29
N THR B 30 -1.36 -20.07 11.90
CA THR B 30 -1.68 -21.46 12.20
C THR B 30 -2.40 -22.08 11.01
N TRP B 31 -2.02 -23.30 10.66
CA TRP B 31 -2.65 -24.03 9.58
C TRP B 31 -2.66 -25.51 9.94
N ARG B 32 -3.08 -26.36 9.01
CA ARG B 32 -3.24 -27.78 9.27
C ARG B 32 -2.50 -28.62 8.23
N ASP B 33 -2.11 -29.81 8.66
CA ASP B 33 -1.46 -30.80 7.81
C ASP B 33 -1.99 -32.18 8.18
N HIS B 34 -1.56 -33.20 7.45
CA HIS B 34 -1.82 -34.57 7.87
C HIS B 34 -1.25 -34.83 9.26
N ARG B 35 -0.20 -34.09 9.64
CA ARG B 35 0.40 -34.24 10.96
C ARG B 35 -0.42 -33.55 12.04
N GLY B 36 -1.24 -32.55 11.68
CA GLY B 36 -2.06 -31.82 12.59
C GLY B 36 -1.85 -30.33 12.44
N THR B 37 -2.13 -29.59 13.51
CA THR B 37 -1.99 -28.14 13.49
C THR B 37 -0.52 -27.72 13.55
N ILE B 38 -0.16 -26.77 12.70
CA ILE B 38 1.19 -26.22 12.61
C ILE B 38 1.11 -24.73 12.91
N ILE B 39 1.88 -24.28 13.89
CA ILE B 39 1.93 -22.88 14.30
C ILE B 39 3.29 -22.30 13.92
N GLU B 40 3.29 -21.04 13.52
CA GLU B 40 4.50 -20.31 13.15
C GLU B 40 4.41 -18.92 13.76
N ARG B 41 5.46 -18.51 14.48
CA ARG B 41 5.43 -17.25 15.20
C ARG B 41 6.53 -16.33 14.70
N GLY B 42 6.25 -15.02 14.75
CA GLY B 42 7.25 -14.05 14.34
C GLY B 42 6.74 -12.64 14.56
N CYS B 43 7.41 -11.68 13.93
CA CYS B 43 7.00 -10.28 14.05
C CYS B 43 6.39 -9.77 12.76
N GLY B 44 5.80 -8.58 12.86
CA GLY B 44 4.96 -8.06 11.81
C GLY B 44 3.60 -8.71 11.88
N CYS B 45 2.78 -8.39 10.89
CA CYS B 45 1.51 -9.09 10.68
C CYS B 45 1.42 -9.37 9.18
N PRO B 46 1.95 -10.50 8.73
CA PRO B 46 1.97 -10.77 7.28
C PRO B 46 0.59 -11.11 6.76
N LYS B 47 0.40 -10.84 5.48
CA LYS B 47 -0.79 -11.33 4.78
C LYS B 47 -0.58 -12.81 4.47
N VAL B 48 -1.66 -13.59 4.58
CA VAL B 48 -1.57 -15.03 4.48
C VAL B 48 -2.40 -15.50 3.29
N LYS B 49 -2.15 -16.76 2.88
CA LYS B 49 -2.99 -17.34 1.85
C LYS B 49 -4.20 -18.02 2.49
N PRO B 50 -5.29 -18.15 1.75
CA PRO B 50 -6.48 -18.80 2.31
C PRO B 50 -6.17 -20.19 2.86
N GLY B 51 -6.77 -20.49 4.01
CA GLY B 51 -6.49 -21.69 4.77
C GLY B 51 -5.65 -21.45 6.01
N ILE B 52 -4.91 -20.34 6.05
CA ILE B 52 -4.11 -19.99 7.21
C ILE B 52 -4.90 -19.05 8.09
N LYS B 53 -4.95 -19.34 9.38
CA LYS B 53 -5.58 -18.47 10.36
C LYS B 53 -4.49 -17.60 10.98
N LEU B 54 -4.60 -16.29 10.76
CA LEU B 54 -3.62 -15.33 11.21
C LEU B 54 -4.11 -14.67 12.49
N HIS B 55 -3.28 -14.70 13.52
CA HIS B 55 -3.48 -13.91 14.73
C HIS B 55 -2.32 -12.92 14.81
N CYS B 56 -2.59 -11.70 15.26
CA CYS B 56 -1.46 -10.82 15.53
C CYS B 56 -1.88 -9.73 16.51
N CYS B 57 -0.87 -9.13 17.12
CA CYS B 57 -1.03 -8.33 18.34
C CYS B 57 0.17 -7.42 18.46
N ARG B 58 0.02 -6.35 19.25
CA ARG B 58 0.99 -5.26 19.28
C ARG B 58 1.43 -4.96 20.71
N THR B 59 1.80 -6.01 21.46
CA THR B 59 2.46 -5.84 22.75
C THR B 59 3.56 -6.87 22.86
N ASP B 60 4.58 -6.55 23.67
CA ASP B 60 5.75 -7.41 23.78
C ASP B 60 5.35 -8.86 24.11
N LYS B 61 5.86 -9.82 23.34
CA LYS B 61 5.66 -11.26 23.64
C LYS B 61 4.18 -11.52 23.83
N CYS B 62 3.34 -11.04 22.92
CA CYS B 62 1.92 -11.32 23.00
C CYS B 62 1.50 -12.51 22.14
N ASN B 63 2.35 -12.91 21.20
CA ASN B 63 2.01 -13.92 20.19
C ASN B 63 2.34 -15.34 20.62
N ASN B 64 2.06 -15.70 21.86
CA ASN B 64 2.30 -17.07 22.33
C ASN B 64 1.17 -17.99 21.88
N VAL C 2 -0.65 13.55 39.48
CA VAL C 2 0.16 13.45 38.27
C VAL C 2 0.84 14.80 38.05
N GLN C 3 2.14 14.79 37.76
CA GLN C 3 2.85 16.05 37.42
C GLN C 3 3.89 15.75 36.34
N LEU C 4 3.71 16.29 35.15
CA LEU C 4 4.65 16.11 34.02
C LEU C 4 5.39 17.43 33.86
N THR C 5 6.71 17.45 34.00
CA THR C 5 7.51 18.70 33.97
C THR C 5 8.55 18.65 32.85
N GLU C 6 8.38 19.45 31.81
CA GLU C 6 9.33 19.57 30.71
C GLU C 6 10.50 20.48 31.09
N SER C 7 11.67 20.15 30.56
CA SER C 7 12.89 20.91 30.80
C SER C 7 13.76 20.85 29.56
N GLY C 8 14.45 21.95 29.25
CA GLY C 8 15.34 22.00 28.12
C GLY C 8 15.57 23.41 27.62
N PRO C 9 16.39 23.53 26.57
CA PRO C 9 16.71 24.87 26.05
C PRO C 9 15.51 25.51 25.36
N GLY C 10 15.28 26.78 25.67
CA GLY C 10 14.26 27.56 24.99
C GLY C 10 14.69 28.16 23.67
N LEU C 11 15.99 28.13 23.38
CA LEU C 11 16.54 28.64 22.13
C LEU C 11 17.51 27.60 21.59
N VAL C 12 17.26 27.13 20.37
CA VAL C 12 18.09 26.13 19.72
C VAL C 12 18.48 26.64 18.36
N LYS C 13 19.68 26.27 17.92
CA LYS C 13 20.15 26.77 16.64
C LYS C 13 19.59 25.91 15.49
N PRO C 14 19.32 26.53 14.34
CA PRO C 14 18.72 25.76 13.23
C PRO C 14 19.59 24.60 12.75
N SER C 15 20.84 24.51 13.17
CA SER C 15 21.76 23.46 12.74
C SER C 15 22.12 22.50 13.87
N GLN C 16 21.26 22.39 14.89
CA GLN C 16 21.53 21.56 16.05
C GLN C 16 20.50 20.44 16.17
N THR C 17 20.36 19.87 17.37
CA THR C 17 19.28 18.95 17.68
C THR C 17 18.57 19.46 18.94
N LEU C 18 17.25 19.59 18.86
CA LEU C 18 16.45 19.97 20.01
C LEU C 18 16.27 18.75 20.90
N SER C 19 16.73 18.85 22.16
CA SER C 19 16.63 17.77 23.14
C SER C 19 15.87 18.26 24.37
N LEU C 20 14.70 17.67 24.61
CA LEU C 20 13.88 18.01 25.76
C LEU C 20 13.71 16.79 26.67
N THR C 21 13.62 17.04 27.96
CA THR C 21 13.38 16.00 28.96
C THR C 21 12.03 16.26 29.63
N CYS C 22 11.37 15.19 30.05
CA CYS C 22 10.12 15.27 30.78
C CYS C 22 10.20 14.34 31.98
N THR C 23 10.12 14.92 33.17
CA THR C 23 10.09 14.15 34.41
C THR C 23 8.66 13.86 34.81
N VAL C 24 8.38 12.60 35.16
CA VAL C 24 7.05 12.10 35.40
C VAL C 24 6.90 11.74 36.87
N SER C 25 5.79 12.14 37.48
CA SER C 25 5.48 11.77 38.85
C SER C 25 4.00 11.41 38.92
N GLY C 26 3.69 10.14 39.15
CA GLY C 26 2.31 9.71 39.31
C GLY C 26 1.76 8.88 38.18
N LEU C 27 2.55 8.59 37.15
CA LEU C 27 2.09 7.81 36.00
C LEU C 27 3.02 6.61 35.82
N SER C 28 2.56 5.65 35.02
CA SER C 28 3.29 4.42 34.77
C SER C 28 3.94 4.48 33.39
N LEU C 29 5.27 4.38 33.36
CA LEU C 29 6.01 4.22 32.12
C LEU C 29 6.38 2.77 31.85
N THR C 30 5.51 1.84 32.28
CA THR C 30 5.77 0.41 32.18
C THR C 30 4.59 -0.39 31.67
N ASN C 31 3.38 0.17 31.63
CA ASN C 31 2.23 -0.55 31.14
C ASN C 31 2.32 -0.71 29.62
N ASN C 32 2.14 -1.94 29.14
CA ASN C 32 2.39 -2.24 27.74
C ASN C 32 1.54 -1.37 26.81
N VAL C 33 0.30 -1.09 27.20
CA VAL C 33 -0.62 -0.34 26.34
C VAL C 33 -0.71 1.12 26.75
N ALA C 34 0.08 1.56 27.71
CA ALA C 34 0.11 2.97 28.11
C ALA C 34 1.28 3.66 27.44
N GLY C 35 1.04 4.88 26.96
CA GLY C 35 2.08 5.65 26.30
C GLY C 35 2.41 6.94 27.00
N SER C 36 3.61 7.44 26.73
CA SER C 36 4.01 8.77 27.16
C SER C 36 4.80 9.40 26.01
N GLY C 37 4.55 10.66 25.72
CA GLY C 37 5.20 11.25 24.57
C GLY C 37 5.13 12.76 24.51
N TRP C 38 5.11 13.28 23.28
CA TRP C 38 5.26 14.70 23.04
C TRP C 38 4.28 15.17 21.98
N VAL C 39 3.62 16.29 22.28
CA VAL C 39 2.79 17.05 21.36
C VAL C 39 3.39 18.44 21.28
N ARG C 40 3.03 19.18 20.23
CA ARG C 40 3.51 20.55 20.13
C ARG C 40 2.48 21.44 19.47
N GLN C 41 2.59 22.74 19.76
CA GLN C 41 1.69 23.76 19.22
C GLN C 41 2.54 24.96 18.81
N ALA C 42 2.58 25.25 17.52
CA ALA C 42 3.33 26.40 17.02
C ALA C 42 2.41 27.61 16.94
N PRO C 43 2.97 28.82 16.99
CA PRO C 43 2.14 30.02 16.91
C PRO C 43 1.24 30.01 15.69
N GLY C 44 -0.02 30.35 15.89
CA GLY C 44 -0.99 30.33 14.80
C GLY C 44 -1.13 28.97 14.15
N LYS C 45 -0.77 27.91 14.85
CA LYS C 45 -0.90 26.54 14.34
C LYS C 45 -1.69 25.73 15.36
N GLY C 46 -2.15 24.56 14.91
CA GLY C 46 -2.89 23.66 15.77
C GLY C 46 -1.98 22.71 16.54
N LEU C 47 -2.59 21.91 17.40
CA LEU C 47 -1.84 20.90 18.12
C LEU C 47 -1.34 19.85 17.15
N GLU C 48 -0.06 19.51 17.25
CA GLU C 48 0.59 18.54 16.36
C GLU C 48 1.24 17.48 17.21
N TRP C 49 0.82 16.24 17.03
CA TRP C 49 1.40 15.12 17.77
C TRP C 49 2.79 14.82 17.26
N ILE C 50 3.76 14.73 18.17
CA ILE C 50 5.13 14.40 17.80
C ILE C 50 5.29 12.89 17.87
N GLY C 51 5.06 12.32 19.05
CA GLY C 51 5.27 10.88 19.16
C GLY C 51 4.96 10.36 20.54
N ASP C 52 5.07 9.03 20.67
CA ASP C 52 4.81 8.31 21.91
C ASP C 52 5.82 7.19 22.05
N ILE C 53 6.14 6.86 23.30
CA ILE C 53 6.87 5.65 23.67
C ILE C 53 6.01 4.90 24.69
N SER C 54 5.87 3.60 24.50
CA SER C 54 5.00 2.80 25.34
C SER C 54 5.78 2.22 26.51
N GLY C 55 5.03 1.61 27.44
CA GLY C 55 5.67 0.95 28.58
C GLY C 55 6.63 -0.15 28.18
N ASP C 56 6.51 -0.66 26.96
CA ASP C 56 7.41 -1.69 26.43
C ASP C 56 8.60 -1.08 25.71
N GLY C 57 8.67 0.24 25.57
CA GLY C 57 9.71 0.89 24.82
C GLY C 57 9.44 1.01 23.34
N VAL C 58 8.28 0.55 22.86
CA VAL C 58 7.92 0.68 21.45
C VAL C 58 7.53 2.13 21.18
N THR C 59 8.04 2.67 20.06
CA THR C 59 7.80 4.05 19.70
C THR C 59 6.83 4.14 18.53
N TYR C 60 6.02 5.20 18.54
CA TYR C 60 5.16 5.56 17.43
C TYR C 60 5.35 7.05 17.16
N TYR C 61 5.85 7.40 15.99
CA TYR C 61 6.15 8.77 15.64
C TYR C 61 5.18 9.29 14.58
N ASN C 62 4.99 10.60 14.57
CA ASN C 62 4.25 11.25 13.50
C ASN C 62 4.94 10.97 12.17
N PRO C 63 4.26 10.34 11.20
CA PRO C 63 4.94 10.01 9.93
C PRO C 63 5.67 11.20 9.32
N ALA C 64 5.09 12.40 9.38
CA ALA C 64 5.72 13.57 8.78
C ALA C 64 7.00 13.99 9.50
N LEU C 65 7.21 13.55 10.74
CA LEU C 65 8.42 13.88 11.47
C LEU C 65 9.34 12.69 11.69
N LYS C 66 8.93 11.48 11.29
CA LYS C 66 9.70 10.26 11.56
C LYS C 66 11.19 10.40 11.30
N PRO C 67 11.65 10.95 10.17
CA PRO C 67 13.11 10.96 9.91
C PRO C 67 13.95 11.78 10.88
N ARG C 68 13.34 12.70 11.62
CA ARG C 68 14.08 13.61 12.52
C ARG C 68 13.70 13.32 13.98
N VAL C 69 12.79 12.40 14.24
CA VAL C 69 12.28 12.22 15.64
C VAL C 69 12.85 10.97 16.29
N SER C 70 13.29 11.09 17.53
CA SER C 70 13.73 10.00 18.40
C SER C 70 13.21 10.25 19.81
N ILE C 71 12.37 9.34 20.33
CA ILE C 71 11.88 9.39 21.70
C ILE C 71 12.44 8.20 22.46
N THR C 72 12.98 8.46 23.66
CA THR C 72 13.53 7.41 24.50
C THR C 72 13.05 7.63 25.93
N LYS C 73 13.43 6.72 26.84
CA LYS C 73 12.96 6.80 28.21
C LYS C 73 13.91 6.10 29.15
N ASP C 74 13.92 6.56 30.40
CA ASP C 74 14.63 5.90 31.50
C ASP C 74 13.63 5.75 32.64
N THR C 75 13.13 4.54 32.83
CA THR C 75 12.16 4.30 33.91
C THR C 75 12.83 4.35 35.27
N SER C 76 14.12 4.02 35.35
CA SER C 76 14.83 4.14 36.62
C SER C 76 14.83 5.59 37.10
N LYS C 77 15.02 6.54 36.19
CA LYS C 77 14.96 7.95 36.51
C LYS C 77 13.57 8.54 36.29
N SER C 78 12.62 7.74 35.82
CA SER C 78 11.26 8.18 35.55
C SER C 78 11.25 9.42 34.66
N GLN C 79 11.87 9.29 33.48
CA GLN C 79 11.94 10.40 32.54
C GLN C 79 11.74 9.91 31.12
N VAL C 80 11.20 10.79 30.29
CA VAL C 80 11.04 10.56 28.85
C VAL C 80 11.76 11.68 28.11
N TYR C 81 12.50 11.32 27.06
CA TYR C 81 13.33 12.27 26.35
C TYR C 81 12.91 12.34 24.88
N LEU C 82 12.90 13.56 24.34
CA LEU C 82 12.59 13.82 22.95
C LEU C 82 13.81 14.45 22.29
N ALA C 83 14.07 14.03 21.04
CA ALA C 83 15.15 14.59 20.24
C ALA C 83 14.67 14.79 18.82
N LEU C 84 14.84 16.01 18.31
CA LEU C 84 14.42 16.39 16.97
C LEU C 84 15.58 17.08 16.26
N ASN C 85 16.07 16.48 15.19
CA ASN C 85 17.21 16.99 14.44
C ASN C 85 16.72 17.72 13.18
N ARG C 86 17.67 18.17 12.37
CA ARG C 86 17.38 18.91 11.15
C ARG C 86 16.33 19.99 11.41
N LEU C 87 16.65 20.87 12.35
CA LEU C 87 15.68 21.85 12.82
C LEU C 87 15.47 22.96 11.81
N THR C 88 14.26 23.52 11.86
CA THR C 88 13.88 24.65 11.01
C THR C 88 13.04 25.62 11.84
N GLY C 89 12.80 26.80 11.28
CA GLY C 89 11.93 27.75 11.93
C GLY C 89 10.54 27.19 12.19
N GLU C 90 10.10 26.26 11.35
CA GLU C 90 8.78 25.66 11.53
C GLU C 90 8.72 24.78 12.77
N ASP C 91 9.88 24.41 13.34
CA ASP C 91 9.93 23.63 14.56
C ASP C 91 9.84 24.50 15.81
N THR C 92 9.76 25.81 15.65
CA THR C 92 9.54 26.71 16.78
C THR C 92 8.12 26.53 17.30
N ALA C 93 7.97 26.18 18.57
CA ALA C 93 6.64 25.91 19.10
C ALA C 93 6.73 25.65 20.61
N VAL C 94 5.56 25.52 21.22
CA VAL C 94 5.45 25.06 22.60
C VAL C 94 5.38 23.54 22.57
N TYR C 95 6.30 22.89 23.27
CA TYR C 95 6.37 21.44 23.35
C TYR C 95 5.79 20.99 24.68
N TYR C 96 4.73 20.17 24.61
CA TYR C 96 4.06 19.60 25.77
C TYR C 96 4.46 18.14 25.90
N CYS C 97 4.89 17.77 27.10
CA CYS C 97 5.00 16.37 27.49
C CYS C 97 3.62 15.86 27.90
N VAL C 98 3.28 14.65 27.45
CA VAL C 98 1.97 14.09 27.68
C VAL C 98 2.12 12.65 28.18
N GLY C 99 1.17 12.25 29.01
CA GLY C 99 1.16 10.89 29.54
C GLY C 99 -0.25 10.30 29.45
N ASN C 100 -0.31 9.05 29.05
CA ASN C 100 -1.59 8.36 28.83
C ASN C 100 -1.74 7.25 29.86
N ALA C 101 -2.64 7.46 30.83
CA ALA C 101 -2.93 6.48 31.87
C ALA C 101 -3.88 5.40 31.33
N ASP C 102 -3.47 4.77 30.23
CA ASP C 102 -4.27 3.73 29.62
C ASP C 102 -4.21 2.44 30.44
N VAL C 103 -5.23 1.61 30.28
CA VAL C 103 -5.40 0.42 31.10
C VAL C 103 -5.51 -0.82 30.23
N TYR C 104 -6.57 -0.89 29.42
CA TYR C 104 -6.85 -2.07 28.61
C TYR C 104 -6.39 -1.93 27.17
N TYR C 105 -6.45 -0.73 26.58
CA TYR C 105 -6.01 -0.55 25.22
C TYR C 105 -5.52 0.88 25.02
N TRP C 106 -4.79 1.08 23.91
CA TRP C 106 -4.23 2.37 23.57
C TRP C 106 -5.28 3.48 23.68
N ARG C 107 -4.96 4.51 24.47
CA ARG C 107 -5.78 5.70 24.62
C ARG C 107 -7.13 5.42 25.27
N ASP C 108 -7.25 4.34 26.04
CA ASP C 108 -8.48 4.09 26.77
C ASP C 108 -8.54 4.83 28.10
N GLY C 109 -7.45 5.49 28.51
CA GLY C 109 -7.37 6.14 29.79
C GLY C 109 -7.22 7.65 29.66
N GLU C 110 -7.15 8.29 30.83
CA GLU C 110 -7.04 9.75 30.89
C GLU C 110 -5.67 10.20 30.39
N LYS C 111 -5.66 11.36 29.73
CA LYS C 111 -4.44 11.97 29.22
C LYS C 111 -4.08 13.18 30.08
N TYR C 112 -2.84 13.22 30.55
CA TYR C 112 -2.32 14.28 31.39
C TYR C 112 -1.26 15.05 30.62
N TRP C 113 -1.34 16.38 30.68
CA TRP C 113 -0.43 17.27 29.93
C TRP C 113 0.49 18.00 30.90
N GLY C 114 1.65 18.45 30.44
CA GLY C 114 2.58 19.26 31.24
C GLY C 114 2.30 20.73 31.00
N GLN C 115 3.00 21.61 31.69
CA GLN C 115 2.79 23.06 31.55
C GLN C 115 3.17 23.45 30.13
N GLY C 116 4.28 22.93 29.62
CA GLY C 116 4.77 23.24 28.28
C GLY C 116 6.10 23.98 28.35
N ILE C 117 6.92 23.87 27.32
CA ILE C 117 8.26 24.54 27.27
C ILE C 117 8.39 25.18 25.89
N LEU C 118 8.36 26.51 25.81
CA LEU C 118 8.50 27.19 24.52
C LEU C 118 9.93 27.04 24.00
N VAL C 119 10.06 26.56 22.76
CA VAL C 119 11.35 26.39 22.12
C VAL C 119 11.32 27.17 20.81
N THR C 120 12.27 28.10 20.66
CA THR C 120 12.40 28.92 19.46
C THR C 120 13.64 28.49 18.69
N VAL C 121 13.49 28.34 17.37
CA VAL C 121 14.59 27.99 16.48
C VAL C 121 15.00 29.26 15.75
N SER C 122 16.19 29.77 16.04
CA SER C 122 16.67 30.99 15.43
C SER C 122 18.19 31.01 15.45
N SER C 123 18.77 31.61 14.42
CA SER C 123 20.21 31.86 14.41
C SER C 123 20.58 33.08 15.25
N ALA C 124 19.59 33.86 15.69
CA ALA C 124 19.84 34.96 16.60
C ALA C 124 20.13 34.44 18.00
N SER C 125 20.76 35.28 18.81
CA SER C 125 21.11 34.93 20.17
C SER C 125 20.16 35.62 21.16
N THR C 126 20.20 35.15 22.40
CA THR C 126 19.27 35.64 23.41
C THR C 126 19.52 37.11 23.70
N THR C 127 18.44 37.84 23.99
CA THR C 127 18.50 39.23 24.40
C THR C 127 17.70 39.38 25.68
N ALA C 128 18.36 39.81 26.75
CA ALA C 128 17.70 39.96 28.03
C ALA C 128 16.74 41.15 28.01
N PRO C 129 15.71 41.14 28.86
CA PRO C 129 14.73 42.22 28.86
C PRO C 129 15.17 43.43 29.67
N LYS C 130 14.62 44.58 29.30
CA LYS C 130 14.72 45.80 30.10
C LYS C 130 13.39 46.02 30.80
N VAL C 131 13.42 46.02 32.13
CA VAL C 131 12.21 46.19 32.93
C VAL C 131 12.09 47.66 33.29
N PHE C 132 11.04 48.33 32.79
CA PHE C 132 10.80 49.73 33.10
C PHE C 132 9.56 49.90 33.96
N PRO C 133 9.53 50.87 34.85
CA PRO C 133 8.35 51.05 35.71
C PRO C 133 7.19 51.68 34.95
N LEU C 134 5.99 51.45 35.46
CA LEU C 134 4.77 52.02 34.91
C LEU C 134 4.00 52.60 36.10
N ALA C 135 4.15 53.91 36.30
CA ALA C 135 3.46 54.65 37.34
C ALA C 135 3.10 56.05 36.81
N SER C 136 1.91 56.52 37.16
CA SER C 136 1.46 57.83 36.72
C SER C 136 0.44 58.41 37.70
N SER C 142 -10.42 55.17 39.45
CA SER C 142 -10.90 55.43 40.83
C SER C 142 -9.76 55.98 41.69
N GLY C 143 -10.07 56.77 42.70
CA GLY C 143 -9.05 57.31 43.63
C GLY C 143 -8.92 56.40 44.83
N SER C 144 -9.78 55.38 44.95
CA SER C 144 -9.75 54.41 46.06
C SER C 144 -8.75 53.30 45.73
N THR C 145 -8.44 53.10 44.45
CA THR C 145 -7.51 52.06 44.02
C THR C 145 -6.69 52.64 42.88
N VAL C 146 -5.40 52.33 42.87
CA VAL C 146 -4.48 52.83 41.85
C VAL C 146 -3.93 51.62 41.08
N ALA C 147 -3.42 51.88 39.89
CA ALA C 147 -2.88 50.84 39.03
C ALA C 147 -1.40 51.12 38.76
N LEU C 148 -0.55 50.12 39.02
CA LEU C 148 0.86 50.24 38.66
C LEU C 148 1.25 49.03 37.83
N GLY C 149 2.48 49.06 37.31
CA GLY C 149 2.98 47.88 36.63
C GLY C 149 4.45 48.03 36.29
N CYS C 150 4.94 47.04 35.55
CA CYS C 150 6.26 47.13 34.93
C CYS C 150 6.19 46.52 33.54
N LEU C 151 6.85 47.18 32.60
CA LEU C 151 6.87 46.76 31.20
C LEU C 151 8.21 46.13 30.89
N VAL C 152 8.17 44.87 30.49
CA VAL C 152 9.32 44.11 30.05
C VAL C 152 9.50 44.37 28.56
N SER C 153 10.64 44.95 28.19
CA SER C 153 10.87 45.45 26.84
C SER C 153 12.05 44.75 26.19
N SER C 154 11.90 44.45 24.90
CA SER C 154 13.03 44.10 24.03
C SER C 154 13.74 42.85 24.54
N TYR C 155 13.04 41.73 24.43
CA TYR C 155 13.58 40.43 24.76
C TYR C 155 13.23 39.43 23.67
N PHE C 156 14.06 38.39 23.57
CA PHE C 156 13.89 37.30 22.59
C PHE C 156 14.63 36.11 23.18
N PRO C 157 14.05 34.91 23.15
CA PRO C 157 12.75 34.52 22.58
C PRO C 157 11.58 35.01 23.44
N GLU C 158 10.38 34.51 23.19
CA GLU C 158 9.17 35.04 23.82
C GLU C 158 8.98 34.60 25.26
N PRO C 159 9.43 33.41 25.70
CA PRO C 159 9.08 32.97 27.05
C PRO C 159 9.66 33.84 28.14
N VAL C 160 8.80 34.59 28.84
CA VAL C 160 9.19 35.39 29.98
C VAL C 160 8.09 35.29 31.04
N THR C 161 8.49 35.17 32.30
CA THR C 161 7.58 35.05 33.42
C THR C 161 7.61 36.31 34.26
N VAL C 162 6.49 36.60 34.92
CA VAL C 162 6.38 37.80 35.76
C VAL C 162 5.66 37.44 37.06
N SER C 163 6.21 37.92 38.18
CA SER C 163 5.61 37.77 39.50
C SER C 163 5.59 39.14 40.17
N TRP C 164 4.84 39.26 41.26
CA TRP C 164 4.78 40.48 42.04
C TRP C 164 5.03 40.15 43.51
N ASN C 165 5.98 40.85 44.12
CA ASN C 165 6.36 40.60 45.51
C ASN C 165 6.72 39.13 45.72
N SER C 166 7.35 38.54 44.71
CA SER C 166 7.77 37.14 44.76
C SER C 166 6.56 36.22 44.98
N GLY C 167 5.44 36.56 44.35
CA GLY C 167 4.25 35.75 44.43
C GLY C 167 3.35 36.04 45.61
N ALA C 168 3.82 36.84 46.58
CA ALA C 168 2.97 37.17 47.72
C ALA C 168 1.73 37.96 47.28
N LEU C 169 1.84 38.74 46.22
CA LEU C 169 0.74 39.56 45.72
C LEU C 169 0.11 38.86 44.52
N THR C 170 -1.12 38.38 44.69
CA THR C 170 -1.87 37.75 43.61
C THR C 170 -3.20 38.44 43.32
N SER C 171 -3.76 39.18 44.28
CA SER C 171 -5.04 39.85 44.07
C SER C 171 -4.85 41.09 43.21
N GLY C 172 -5.74 41.26 42.23
CA GLY C 172 -5.69 42.43 41.36
C GLY C 172 -4.58 42.43 40.34
N VAL C 173 -3.89 41.31 40.17
CA VAL C 173 -2.75 41.22 39.27
C VAL C 173 -3.21 40.75 37.90
N HIS C 174 -2.50 41.22 36.86
CA HIS C 174 -2.72 40.71 35.51
C HIS C 174 -1.46 40.91 34.69
N THR C 175 -0.94 39.82 34.12
CA THR C 175 0.16 39.88 33.17
C THR C 175 -0.39 39.74 31.77
N PHE C 176 0.08 40.59 30.87
CA PHE C 176 -0.51 40.70 29.54
C PHE C 176 0.22 39.85 28.53
N PRO C 177 -0.41 39.59 27.38
CA PRO C 177 0.31 38.96 26.28
C PRO C 177 1.38 39.88 25.70
N SER C 178 2.32 39.27 24.99
CA SER C 178 3.45 39.99 24.44
C SER C 178 3.09 40.65 23.11
N VAL C 179 4.05 41.43 22.59
CA VAL C 179 3.93 42.13 21.33
C VAL C 179 5.27 42.08 20.62
N LEU C 180 5.25 41.87 19.31
CA LEU C 180 6.48 41.88 18.51
C LEU C 180 6.59 43.25 17.86
N GLN C 181 7.60 44.01 18.26
CA GLN C 181 7.85 45.31 17.66
C GLN C 181 8.63 45.14 16.37
N SER C 182 8.68 46.20 15.57
CA SER C 182 9.44 46.15 14.32
C SER C 182 10.91 45.84 14.58
N SER C 183 11.42 46.15 15.77
CA SER C 183 12.82 45.86 16.09
C SER C 183 13.11 44.36 16.06
N GLY C 184 12.08 43.53 16.09
CA GLY C 184 12.24 42.09 16.15
C GLY C 184 12.28 41.46 17.52
N LEU C 185 12.02 42.22 18.59
CA LEU C 185 11.93 41.64 19.93
C LEU C 185 10.54 41.87 20.51
N TYR C 186 10.30 41.18 21.63
CA TYR C 186 9.01 41.12 22.29
C TYR C 186 8.95 42.09 23.46
N SER C 187 7.74 42.55 23.76
CA SER C 187 7.51 43.37 24.93
C SER C 187 6.13 43.04 25.49
N LEU C 188 6.04 43.01 26.82
CA LEU C 188 4.76 42.81 27.50
C LEU C 188 4.70 43.71 28.71
N SER C 189 3.51 43.88 29.26
CA SER C 189 3.32 44.69 30.45
C SER C 189 2.62 43.85 31.52
N SER C 190 3.08 43.98 32.76
CA SER C 190 2.41 43.40 33.90
C SER C 190 1.87 44.53 34.77
N MET C 191 0.71 44.28 35.37
CA MET C 191 0.02 45.30 36.15
C MET C 191 -0.52 44.68 37.42
N VAL C 192 -0.76 45.54 38.40
CA VAL C 192 -1.60 45.18 39.55
C VAL C 192 -2.27 46.45 40.06
N THR C 193 -3.54 46.30 40.43
CA THR C 193 -4.31 47.34 41.09
C THR C 193 -4.16 47.17 42.60
N VAL C 194 -3.90 48.27 43.28
CA VAL C 194 -3.52 48.22 44.69
C VAL C 194 -4.33 49.28 45.44
N PRO C 195 -4.47 49.12 46.75
CA PRO C 195 -5.15 50.16 47.54
C PRO C 195 -4.37 51.45 47.53
N ALA C 196 -5.08 52.55 47.29
CA ALA C 196 -4.43 53.86 47.30
C ALA C 196 -3.77 54.12 48.65
N SER C 197 -4.32 53.56 49.72
CA SER C 197 -3.84 53.78 51.11
C SER C 197 -2.49 53.12 51.36
N SER C 198 -2.22 51.97 50.72
CA SER C 198 -0.97 51.19 50.91
C SER C 198 0.03 51.54 49.80
N LEU C 199 0.11 52.81 49.41
CA LEU C 199 1.04 53.27 48.35
C LEU C 199 2.39 53.64 48.97
N LYS C 200 2.38 54.39 50.08
CA LYS C 200 3.61 54.84 50.71
C LYS C 200 4.08 53.93 51.83
N SER C 201 3.27 52.97 52.26
CA SER C 201 3.63 52.10 53.37
C SER C 201 4.00 50.68 52.96
N GLN C 202 3.48 50.16 51.85
CA GLN C 202 3.76 48.80 51.41
C GLN C 202 4.62 48.83 50.14
N THR C 203 5.52 47.85 50.03
CA THR C 203 6.45 47.76 48.91
C THR C 203 5.87 46.98 47.74
N TYR C 204 6.06 47.51 46.52
CA TYR C 204 5.52 46.88 45.29
C TYR C 204 6.65 46.63 44.30
N ILE C 205 7.13 45.39 44.22
CA ILE C 205 8.22 44.96 43.36
C ILE C 205 7.71 43.88 42.41
N CYS C 206 8.18 43.91 41.16
CA CYS C 206 7.95 42.80 40.25
C CYS C 206 9.24 42.01 40.01
N ASN C 207 9.05 40.74 39.69
CA ASN C 207 10.13 39.77 39.49
C ASN C 207 9.94 39.21 38.09
N VAL C 208 10.72 39.69 37.14
CA VAL C 208 10.71 39.19 35.77
C VAL C 208 11.75 38.11 35.64
N ALA C 209 11.43 37.05 34.91
CA ALA C 209 12.33 35.93 34.72
C ALA C 209 12.38 35.60 33.23
N HIS C 210 13.57 35.76 32.65
CA HIS C 210 13.81 35.39 31.25
C HIS C 210 14.67 34.13 31.25
N PRO C 211 14.10 32.95 31.01
CA PRO C 211 14.90 31.72 31.14
C PRO C 211 15.88 31.52 30.01
N ALA C 212 15.54 31.96 28.79
CA ALA C 212 16.46 31.77 27.67
C ALA C 212 17.76 32.53 27.88
N SER C 213 17.71 33.66 28.57
CA SER C 213 18.90 34.41 28.93
C SER C 213 19.34 34.13 30.36
N SER C 214 18.63 33.26 31.07
CA SER C 214 18.98 32.87 32.44
C SER C 214 19.10 34.10 33.33
N THR C 215 18.11 34.99 33.24
CA THR C 215 18.12 36.25 33.96
C THR C 215 16.88 36.36 34.84
N LYS C 216 17.03 36.99 36.00
CA LYS C 216 15.92 37.30 36.89
C LYS C 216 16.11 38.72 37.41
N VAL C 217 15.22 39.62 37.01
CA VAL C 217 15.24 41.02 37.43
C VAL C 217 14.19 41.23 38.51
N ASP C 218 14.52 42.05 39.51
CA ASP C 218 13.57 42.49 40.52
C ASP C 218 13.54 44.01 40.46
N LYS C 219 12.41 44.58 40.03
CA LYS C 219 12.28 46.03 39.81
C LYS C 219 11.26 46.66 40.75
N LYS C 220 11.68 47.62 41.57
CA LYS C 220 10.82 48.38 42.47
C LYS C 220 10.07 49.47 41.71
N ILE C 221 8.76 49.57 41.94
CA ILE C 221 7.93 50.59 41.33
C ILE C 221 7.71 51.71 42.35
N VAL C 222 8.44 52.81 42.20
CA VAL C 222 8.28 53.99 43.05
C VAL C 222 7.99 55.19 42.16
N ILE C 223 7.04 56.02 42.59
CA ILE C 223 6.60 57.18 41.82
C ILE C 223 7.32 58.43 42.29
N SER D 2 -6.76 13.47 8.72
CA SER D 2 -7.28 14.78 9.08
C SER D 2 -8.68 14.70 9.67
N VAL D 3 -8.83 15.27 10.87
CA VAL D 3 -10.13 15.44 11.51
C VAL D 3 -10.45 16.93 11.51
N THR D 4 -11.69 17.26 11.18
CA THR D 4 -12.11 18.65 11.01
C THR D 4 -13.19 18.99 12.03
N GLN D 5 -13.04 20.14 12.66
CA GLN D 5 -14.03 20.68 13.59
C GLN D 5 -14.32 22.13 13.22
N PRO D 6 -15.50 22.64 13.56
CA PRO D 6 -15.82 24.03 13.19
C PRO D 6 -14.81 25.00 13.77
N ALA D 7 -14.55 26.07 13.02
CA ALA D 7 -13.55 27.05 13.44
C ALA D 7 -14.02 27.86 14.64
N SER D 8 -15.33 28.06 14.78
CA SER D 8 -15.86 28.90 15.84
C SER D 8 -17.27 28.48 16.18
N VAL D 9 -17.62 28.55 17.46
CA VAL D 9 -18.96 28.28 17.94
C VAL D 9 -19.34 29.35 18.95
N SER D 10 -20.59 29.82 18.88
CA SER D 10 -21.10 30.83 19.79
C SER D 10 -22.28 30.25 20.57
N GLY D 11 -22.40 30.66 21.82
CA GLY D 11 -23.48 30.19 22.68
C GLY D 11 -23.76 31.19 23.77
N THR D 12 -25.02 31.21 24.20
CA THR D 12 -25.45 32.09 25.28
C THR D 12 -25.40 31.33 26.61
N LEU D 13 -25.20 32.09 27.69
CA LEU D 13 -25.06 31.49 29.01
C LEU D 13 -26.30 30.67 29.37
N GLY D 14 -26.08 29.42 29.76
CA GLY D 14 -27.16 28.50 30.06
C GLY D 14 -27.59 27.64 28.88
N GLN D 15 -27.26 28.05 27.66
CA GLN D 15 -27.59 27.29 26.47
C GLN D 15 -26.78 26.01 26.39
N THR D 16 -27.36 24.97 25.78
CA THR D 16 -26.64 23.75 25.49
C THR D 16 -25.95 23.90 24.14
N VAL D 17 -24.68 23.53 24.09
CA VAL D 17 -23.89 23.69 22.87
C VAL D 17 -23.15 22.40 22.55
N THR D 18 -22.86 22.20 21.27
CA THR D 18 -22.13 21.05 20.80
C THR D 18 -21.03 21.49 19.84
N ILE D 19 -19.85 20.87 20.01
CA ILE D 19 -18.75 21.01 19.06
C ILE D 19 -18.51 19.64 18.44
N SER D 20 -18.47 19.59 17.11
CA SER D 20 -18.40 18.33 16.38
C SER D 20 -17.05 18.17 15.71
N CYS D 21 -16.58 16.92 15.67
CA CYS D 21 -15.26 16.57 15.14
C CYS D 21 -15.46 15.42 14.16
N SER D 22 -15.25 15.69 12.88
CA SER D 22 -15.51 14.73 11.82
C SER D 22 -14.20 14.09 11.36
N GLY D 23 -14.20 12.76 11.27
CA GLY D 23 -13.03 12.03 10.84
C GLY D 23 -13.34 10.85 9.94
N SER D 24 -12.64 9.74 10.16
CA SER D 24 -12.74 8.56 9.31
C SER D 24 -12.92 7.34 10.18
N LYS D 25 -13.15 6.18 9.53
CA LYS D 25 -13.22 4.93 10.25
C LYS D 25 -11.87 4.51 10.80
N SER D 26 -10.78 4.98 10.21
CA SER D 26 -9.46 4.62 10.71
C SER D 26 -9.14 5.29 12.05
N ASN D 27 -9.82 6.38 12.38
CA ASN D 27 -9.55 7.09 13.63
C ASN D 27 -10.79 7.19 14.50
N ILE D 28 -11.60 8.24 14.32
CA ILE D 28 -12.75 8.45 15.20
C ILE D 28 -13.65 7.24 15.18
N GLY D 29 -13.81 6.61 14.02
CA GLY D 29 -14.65 5.45 13.90
C GLY D 29 -14.00 4.13 14.28
N ASP D 30 -12.73 4.15 14.70
CA ASP D 30 -12.06 2.91 15.06
C ASP D 30 -12.59 2.38 16.38
N THR D 31 -12.70 1.07 16.48
CA THR D 31 -13.18 0.39 17.67
C THR D 31 -12.11 -0.54 18.21
N PRO D 32 -11.92 -0.62 19.54
CA PRO D 32 -12.59 0.15 20.60
C PRO D 32 -12.33 1.64 20.45
N SER D 33 -13.25 2.48 20.92
CA SER D 33 -13.26 3.88 20.56
C SER D 33 -12.36 4.71 21.46
N TYR D 34 -11.69 5.69 20.84
CA TYR D 34 -10.98 6.74 21.57
C TYR D 34 -11.23 8.06 20.86
N VAL D 35 -11.80 9.02 21.57
CA VAL D 35 -11.90 10.40 21.11
C VAL D 35 -11.70 11.29 22.33
N GLY D 36 -10.60 12.02 22.35
CA GLY D 36 -10.33 12.94 23.45
C GLY D 36 -10.79 14.34 23.10
N TRP D 37 -11.29 15.03 24.11
CA TRP D 37 -11.66 16.44 24.02
C TRP D 37 -10.90 17.20 25.10
N PHE D 38 -10.21 18.26 24.69
CA PHE D 38 -9.33 19.03 25.54
C PHE D 38 -9.70 20.51 25.47
N GLN D 39 -9.71 21.16 26.62
CA GLN D 39 -9.98 22.59 26.72
C GLN D 39 -8.66 23.32 26.92
N GLN D 40 -8.48 24.41 26.18
CA GLN D 40 -7.29 25.24 26.29
C GLN D 40 -7.74 26.69 26.28
N ILE D 41 -7.40 27.44 27.32
CA ILE D 41 -7.60 28.88 27.37
C ILE D 41 -6.36 29.53 26.77
N PRO D 42 -6.47 30.34 25.69
CA PRO D 42 -5.27 30.85 25.01
C PRO D 42 -4.17 31.27 25.97
N GLY D 43 -2.97 30.74 25.77
CA GLY D 43 -1.86 31.00 26.66
C GLY D 43 -1.71 30.03 27.81
N THR D 44 -2.50 28.96 27.82
CA THR D 44 -2.48 27.97 28.88
C THR D 44 -2.10 26.61 28.32
N ALA D 45 -1.87 25.66 29.22
CA ALA D 45 -1.69 24.29 28.74
C ALA D 45 -3.07 23.63 28.58
N PRO D 46 -3.21 22.71 27.63
CA PRO D 46 -4.52 22.06 27.47
C PRO D 46 -4.90 21.27 28.71
N LYS D 47 -6.20 21.21 28.98
CA LYS D 47 -6.77 20.39 30.04
C LYS D 47 -7.71 19.38 29.43
N THR D 48 -7.60 18.13 29.85
CA THR D 48 -8.39 17.05 29.28
C THR D 48 -9.80 17.07 29.85
N LEU D 49 -10.80 17.18 28.98
CA LEU D 49 -12.20 17.09 29.40
C LEU D 49 -12.72 15.67 29.24
N ILE D 50 -12.70 15.15 28.01
CA ILE D 50 -13.19 13.81 27.70
C ILE D 50 -12.02 12.96 27.23
N TYR D 51 -12.02 11.69 27.62
CA TYR D 51 -10.98 10.76 27.22
C TYR D 51 -11.59 9.42 26.85
N GLY D 52 -10.78 8.60 26.17
CA GLY D 52 -11.18 7.24 25.87
C GLY D 52 -12.53 7.16 25.18
N ASP D 53 -13.39 6.30 25.71
CA ASP D 53 -14.70 6.04 25.12
C ASP D 53 -15.74 7.00 25.71
N GLY D 54 -15.60 8.27 25.34
CA GLY D 54 -16.53 9.29 25.81
C GLY D 54 -16.64 9.37 27.31
N LYS D 55 -15.53 9.17 28.02
CA LYS D 55 -15.51 9.19 29.47
C LYS D 55 -15.09 10.57 29.96
N ARG D 56 -15.72 11.04 31.04
CA ARG D 56 -15.41 12.33 31.60
C ARG D 56 -14.19 12.22 32.52
N ALA D 57 -13.22 13.10 32.34
CA ALA D 57 -12.00 13.05 33.12
C ALA D 57 -12.29 13.45 34.57
N SER D 58 -11.29 13.24 35.43
CA SER D 58 -11.42 13.58 36.83
C SER D 58 -11.51 15.09 37.01
N GLY D 59 -12.47 15.54 37.80
CA GLY D 59 -12.62 16.94 38.11
C GLY D 59 -13.29 17.80 37.06
N VAL D 60 -13.82 17.19 36.00
CA VAL D 60 -14.49 17.95 34.94
C VAL D 60 -15.96 18.13 35.30
N PRO D 61 -16.54 19.31 35.11
CA PRO D 61 -17.95 19.50 35.47
C PRO D 61 -18.85 18.50 34.76
N ASP D 62 -20.01 18.24 35.37
CA ASP D 62 -20.96 17.29 34.80
C ASP D 62 -21.53 17.78 33.48
N ARG D 63 -21.51 19.09 33.23
CA ARG D 63 -22.11 19.62 32.02
C ARG D 63 -21.36 19.21 30.76
N PHE D 64 -20.13 18.75 30.88
CA PHE D 64 -19.35 18.28 29.75
C PHE D 64 -19.62 16.80 29.52
N SER D 65 -19.91 16.44 28.27
CA SER D 65 -20.12 15.04 27.91
C SER D 65 -19.58 14.81 26.51
N GLY D 66 -19.24 13.56 26.22
CA GLY D 66 -18.69 13.20 24.92
C GLY D 66 -19.43 12.03 24.33
N SER D 67 -19.64 12.08 23.00
CA SER D 67 -20.36 11.04 22.29
C SER D 67 -19.72 10.83 20.93
N VAL D 68 -20.02 9.69 20.32
CA VAL D 68 -19.50 9.34 19.00
C VAL D 68 -20.59 8.63 18.21
N SER D 69 -20.78 9.04 16.96
CA SER D 69 -21.67 8.37 16.02
C SER D 69 -20.90 8.14 14.73
N GLU D 70 -20.71 6.88 14.37
CA GLU D 70 -19.93 6.53 13.18
C GLU D 70 -18.55 7.20 13.26
N ASN D 71 -18.22 8.05 12.28
CA ASN D 71 -16.92 8.70 12.23
C ASN D 71 -16.97 10.15 12.70
N THR D 72 -18.01 10.53 13.43
CA THR D 72 -18.19 11.89 13.89
C THR D 72 -18.41 11.89 15.40
N ALA D 73 -17.53 12.58 16.12
CA ALA D 73 -17.66 12.72 17.57
C ALA D 73 -18.21 14.10 17.91
N THR D 74 -18.73 14.22 19.13
CA THR D 74 -19.38 15.46 19.55
C THR D 74 -19.20 15.66 21.05
N LEU D 75 -18.70 16.84 21.41
CA LEU D 75 -18.66 17.30 22.80
C LEU D 75 -19.88 18.18 23.05
N THR D 76 -20.58 17.90 24.15
CA THR D 76 -21.79 18.63 24.53
C THR D 76 -21.61 19.27 25.90
N ILE D 77 -21.76 20.59 25.95
CA ILE D 77 -21.77 21.35 27.20
C ILE D 77 -23.22 21.67 27.51
N SER D 78 -23.75 21.11 28.62
CA SER D 78 -25.20 21.17 28.80
C SER D 78 -25.34 22.33 29.83
N GLY D 79 -25.56 23.54 29.32
CA GLY D 79 -25.58 24.74 30.14
C GLY D 79 -24.20 25.38 30.24
N VAL D 80 -23.83 26.16 29.22
CA VAL D 80 -22.47 26.76 29.12
C VAL D 80 -22.28 27.90 30.11
N GLN D 81 -21.38 27.74 31.07
CA GLN D 81 -21.03 28.83 32.00
C GLN D 81 -20.05 29.73 31.24
N ALA D 82 -19.77 30.93 31.71
CA ALA D 82 -18.91 31.90 30.98
C ALA D 82 -17.44 31.49 31.11
N GLU D 83 -17.12 30.64 32.08
CA GLU D 83 -15.74 30.14 32.29
C GLU D 83 -15.40 29.19 31.14
N ASP D 84 -16.41 28.72 30.39
CA ASP D 84 -16.20 27.76 29.32
C ASP D 84 -15.71 28.41 28.03
N GLU D 85 -15.75 29.73 27.92
CA GLU D 85 -15.24 30.41 26.73
C GLU D 85 -13.77 30.10 26.53
N ALA D 86 -13.44 29.40 25.43
CA ALA D 86 -12.08 28.91 25.26
C ALA D 86 -11.91 28.14 23.96
N ASP D 87 -10.69 27.68 23.66
CA ASP D 87 -10.45 26.83 22.51
C ASP D 87 -10.66 25.37 22.91
N TYR D 88 -11.18 24.59 21.98
CA TYR D 88 -11.51 23.18 22.23
C TYR D 88 -10.90 22.35 21.10
N TRP D 89 -10.21 21.28 21.49
CA TRP D 89 -9.52 20.41 20.54
C TRP D 89 -10.03 18.99 20.68
N CYS D 90 -10.23 18.33 19.55
CA CYS D 90 -10.53 16.91 19.51
C CYS D 90 -9.31 16.16 19.01
N ALA D 91 -9.10 14.97 19.57
CA ALA D 91 -8.00 14.10 19.16
C ALA D 91 -8.51 12.67 19.03
N SER D 92 -7.86 11.91 18.17
CA SER D 92 -8.18 10.49 18.00
C SER D 92 -6.91 9.77 17.58
N TRP D 93 -7.00 8.44 17.51
CA TRP D 93 -5.89 7.60 17.09
C TRP D 93 -6.25 6.91 15.78
N ASP D 94 -5.41 7.12 14.77
CA ASP D 94 -5.57 6.49 13.47
C ASP D 94 -4.72 5.22 13.42
N VAL D 95 -5.37 4.10 13.12
CA VAL D 95 -4.71 2.80 13.08
C VAL D 95 -3.98 2.56 11.77
N ASN D 96 -4.34 3.26 10.71
CA ASN D 96 -3.66 3.08 9.43
C ASN D 96 -2.33 3.81 9.38
N SER D 97 -2.21 4.93 10.09
CA SER D 97 -0.96 5.67 10.20
C SER D 97 -0.34 5.54 11.58
N ASP D 98 -0.92 4.70 12.44
CA ASP D 98 -0.45 4.53 13.81
C ASP D 98 -0.05 5.87 14.43
N SER D 99 -1.01 6.79 14.46
CA SER D 99 -0.66 8.14 14.90
C SER D 99 -1.86 8.85 15.50
N GLU D 100 -1.57 9.74 16.46
CA GLU D 100 -2.60 10.57 17.07
C GLU D 100 -2.81 11.81 16.21
N VAL D 101 -4.08 12.09 15.91
CA VAL D 101 -4.47 13.18 15.02
C VAL D 101 -5.35 14.15 15.80
N PHE D 102 -5.07 15.44 15.64
CA PHE D 102 -5.84 16.52 16.26
C PHE D 102 -6.65 17.25 15.20
N GLY D 103 -7.76 17.85 15.64
CA GLY D 103 -8.52 18.72 14.78
C GLY D 103 -7.93 20.11 14.72
N GLY D 104 -8.53 20.94 13.85
CA GLY D 104 -8.07 22.32 13.72
C GLY D 104 -8.37 23.19 14.91
N GLY D 105 -9.22 22.73 15.82
CA GLY D 105 -9.61 23.54 16.96
C GLY D 105 -10.88 24.32 16.71
N THR D 106 -11.60 24.63 17.79
CA THR D 106 -12.85 25.38 17.73
C THR D 106 -12.87 26.39 18.87
N HIS D 107 -13.04 27.66 18.55
CA HIS D 107 -13.09 28.71 19.55
C HIS D 107 -14.55 28.91 19.99
N LEU D 108 -14.83 28.64 21.26
CA LEU D 108 -16.15 28.82 21.84
C LEU D 108 -16.21 30.19 22.52
N THR D 109 -17.10 31.05 22.03
CA THR D 109 -17.33 32.38 22.58
C THR D 109 -18.65 32.33 23.35
N VAL D 110 -18.56 32.31 24.68
CA VAL D 110 -19.73 32.31 25.54
C VAL D 110 -20.07 33.77 25.84
N ALA D 111 -21.13 34.28 25.21
CA ALA D 111 -21.53 35.67 25.35
C ALA D 111 -22.88 35.76 26.06
N GLY D 112 -23.21 36.96 26.49
CA GLY D 112 -24.43 37.23 27.22
C GLY D 112 -24.23 37.58 28.69
N GLY D 113 -22.98 37.75 29.14
CA GLY D 113 -22.72 38.10 30.51
C GLY D 113 -22.96 39.57 30.78
N PRO D 114 -22.80 39.95 32.03
CA PRO D 114 -23.01 41.36 32.40
C PRO D 114 -21.96 42.27 31.78
N THR D 115 -22.38 43.50 31.50
CA THR D 115 -21.50 44.50 30.91
C THR D 115 -20.76 45.25 32.00
N SER D 116 -19.49 45.56 31.73
CA SER D 116 -18.65 46.31 32.65
C SER D 116 -17.86 47.34 31.87
N ALA D 117 -17.76 48.54 32.43
CA ALA D 117 -17.04 49.61 31.74
C ALA D 117 -15.53 49.40 31.87
N PRO D 118 -14.76 49.81 30.87
CA PRO D 118 -13.30 49.57 30.92
C PRO D 118 -12.61 50.60 31.80
N SER D 119 -11.76 50.12 32.70
CA SER D 119 -10.83 50.97 33.43
C SER D 119 -9.58 51.13 32.59
N VAL D 120 -9.22 52.37 32.27
CA VAL D 120 -8.07 52.68 31.44
C VAL D 120 -6.97 53.28 32.32
N SER D 121 -5.75 52.76 32.18
CA SER D 121 -4.60 53.29 32.88
C SER D 121 -3.52 53.58 31.86
N LEU D 122 -3.23 54.87 31.65
CA LEU D 122 -2.24 55.32 30.63
C LEU D 122 -0.95 55.72 31.34
N PHE D 123 0.14 55.01 31.10
CA PHE D 123 1.45 55.25 31.77
C PHE D 123 2.37 55.99 30.79
N PRO D 124 3.31 56.81 31.28
CA PRO D 124 4.20 57.58 30.40
C PRO D 124 5.54 56.89 30.13
N PRO D 125 6.29 57.28 29.08
CA PRO D 125 7.60 56.69 28.85
C PRO D 125 8.48 56.89 30.10
N SER D 126 9.15 55.83 30.58
CA SER D 126 9.99 55.90 31.80
C SER D 126 11.20 56.78 31.51
N SER D 127 11.80 57.39 32.54
CA SER D 127 12.97 58.30 32.38
C SER D 127 14.16 57.48 31.92
N GLU D 128 14.27 56.21 32.31
CA GLU D 128 15.31 55.31 31.84
C GLU D 128 15.16 55.03 30.35
N GLU D 129 13.95 54.66 29.92
CA GLU D 129 13.71 54.41 28.50
C GLU D 129 14.10 55.61 27.66
N LEU D 130 13.73 56.82 28.11
CA LEU D 130 14.14 58.03 27.40
C LEU D 130 15.64 58.23 27.50
N SER D 131 16.23 57.74 28.60
CA SER D 131 17.68 57.65 28.72
C SER D 131 18.27 56.67 27.71
N ALA D 132 17.44 55.89 27.03
CA ALA D 132 17.88 55.04 25.93
C ALA D 132 17.43 55.60 24.58
N ASN D 133 16.96 56.84 24.53
CA ASN D 133 16.49 57.46 23.29
C ASN D 133 15.33 56.68 22.66
N LYS D 134 14.42 56.20 23.50
CA LYS D 134 13.24 55.48 23.07
C LYS D 134 12.08 55.85 23.99
N ALA D 135 10.88 55.92 23.44
CA ALA D 135 9.69 56.29 24.20
C ALA D 135 8.57 55.32 23.91
N THR D 136 7.99 54.76 24.99
CA THR D 136 6.86 53.83 24.89
C THR D 136 5.75 54.32 25.81
N VAL D 137 4.66 54.81 25.23
CA VAL D 137 3.46 55.11 26.00
C VAL D 137 2.63 53.85 26.05
N VAL D 138 2.16 53.52 27.26
CA VAL D 138 1.57 52.20 27.54
C VAL D 138 0.15 52.41 28.02
N CYS D 139 -0.82 51.87 27.28
CA CYS D 139 -2.23 51.97 27.65
C CYS D 139 -2.74 50.58 28.04
N LEU D 140 -3.19 50.45 29.29
CA LEU D 140 -3.67 49.19 29.83
C LEU D 140 -5.14 49.33 30.17
N ILE D 141 -5.99 48.60 29.45
CA ILE D 141 -7.43 48.61 29.65
C ILE D 141 -7.80 47.31 30.35
N SER D 142 -8.67 47.39 31.36
CA SER D 142 -8.96 46.22 32.17
C SER D 142 -10.40 46.24 32.66
N ASP D 143 -10.87 45.05 33.04
CA ASP D 143 -12.16 44.86 33.72
C ASP D 143 -13.32 45.36 32.85
N PHE D 144 -13.37 44.84 31.62
CA PHE D 144 -14.42 45.18 30.66
C PHE D 144 -14.98 43.90 30.03
N SER D 145 -16.28 43.92 29.77
CA SER D 145 -16.99 42.85 29.06
C SER D 145 -18.10 43.59 28.31
N PRO D 146 -18.38 43.25 27.04
CA PRO D 146 -17.93 42.09 26.24
C PRO D 146 -16.46 42.13 25.82
N SER D 147 -16.01 41.15 25.03
CA SER D 147 -14.58 41.04 24.73
C SER D 147 -14.11 42.18 23.86
N GLY D 148 -14.99 42.75 23.06
CA GLY D 148 -14.59 43.66 22.00
C GLY D 148 -14.47 45.11 22.43
N LEU D 149 -13.48 45.80 21.85
CA LEU D 149 -13.34 47.24 22.01
C LEU D 149 -12.43 47.72 20.90
N GLU D 150 -12.30 49.04 20.80
CA GLU D 150 -11.41 49.68 19.84
C GLU D 150 -10.53 50.67 20.59
N VAL D 151 -9.25 50.68 20.26
CA VAL D 151 -8.28 51.56 20.88
C VAL D 151 -7.77 52.55 19.84
N ILE D 152 -7.64 53.81 20.24
CA ILE D 152 -7.21 54.88 19.34
C ILE D 152 -6.16 55.71 20.06
N TRP D 153 -4.96 55.77 19.51
CA TRP D 153 -3.93 56.67 20.01
C TRP D 153 -4.07 58.01 19.29
N LYS D 154 -3.71 59.08 20.00
CA LYS D 154 -3.72 60.41 19.43
C LYS D 154 -2.45 61.12 19.84
N VAL D 155 -1.74 61.67 18.86
CA VAL D 155 -0.57 62.51 19.11
C VAL D 155 -1.03 63.96 19.08
N ASN D 156 -0.61 64.73 20.09
CA ASN D 156 -1.19 66.04 20.34
C ASN D 156 -2.67 65.84 20.62
N ASP D 157 -3.53 66.41 19.79
CA ASP D 157 -4.97 66.31 20.00
C ASP D 157 -5.75 65.64 18.89
N ALA D 158 -5.13 65.38 17.75
CA ALA D 158 -5.71 64.62 16.65
C ALA D 158 -5.24 63.17 16.74
N VAL D 159 -6.07 62.25 16.26
CA VAL D 159 -5.68 60.85 16.29
C VAL D 159 -4.60 60.61 15.25
N THR D 160 -3.47 60.05 15.66
CA THR D 160 -2.37 59.67 14.75
C THR D 160 -2.11 58.17 14.93
N ASN D 161 -1.82 57.43 13.87
CA ASN D 161 -1.64 55.96 13.93
C ASN D 161 -0.28 55.56 13.35
N ASP D 162 0.79 55.68 14.13
CA ASP D 162 2.16 55.27 13.70
C ASP D 162 2.77 54.41 14.81
N ARG D 163 3.22 53.20 14.48
CA ARG D 163 3.88 52.28 15.45
C ARG D 163 2.95 51.98 16.63
N VAL D 164 1.65 51.76 16.39
CA VAL D 164 0.67 51.41 17.46
C VAL D 164 0.44 49.90 17.42
N GLN D 165 0.74 49.17 18.50
CA GLN D 165 0.62 47.71 18.52
C GLN D 165 -0.25 47.33 19.71
N THR D 166 -1.44 46.79 19.44
CA THR D 166 -2.37 46.38 20.46
C THR D 166 -2.48 44.85 20.50
N THR D 167 -2.70 44.32 21.70
CA THR D 167 -2.89 42.89 21.92
C THR D 167 -4.37 42.56 21.97
N ARG D 168 -4.72 41.36 21.51
CA ARG D 168 -6.10 40.93 21.55
C ARG D 168 -6.54 40.73 23.00
N PRO D 169 -7.75 41.17 23.36
CA PRO D 169 -8.19 41.03 24.75
C PRO D 169 -8.08 39.60 25.25
N SER D 170 -7.85 39.46 26.55
CA SER D 170 -7.70 38.16 27.19
C SER D 170 -8.38 38.20 28.56
N LYS D 171 -8.94 37.07 28.95
CA LYS D 171 -9.65 36.99 30.22
C LYS D 171 -8.71 37.20 31.39
N GLN D 172 -9.23 37.83 32.44
CA GLN D 172 -8.52 38.04 33.69
C GLN D 172 -8.98 37.03 34.74
N SER D 173 -8.37 37.10 35.93
CA SER D 173 -8.74 36.20 37.01
C SER D 173 -10.15 36.47 37.52
N ASN D 174 -10.63 37.71 37.44
CA ASN D 174 -11.98 38.02 37.93
C ASN D 174 -13.07 37.56 36.99
N GLY D 175 -12.72 37.27 35.74
CA GLY D 175 -13.67 36.89 34.71
C GLY D 175 -13.84 37.92 33.62
N LYS D 176 -13.41 39.15 33.86
CA LYS D 176 -13.48 40.21 32.86
C LYS D 176 -12.30 40.11 31.90
N TYR D 177 -12.20 41.08 31.01
CA TYR D 177 -11.20 41.07 29.95
C TYR D 177 -10.22 42.23 30.11
N ALA D 178 -9.06 42.10 29.46
CA ALA D 178 -8.02 43.12 29.52
C ALA D 178 -7.28 43.15 28.20
N ALA D 179 -6.79 44.35 27.84
CA ALA D 179 -6.04 44.53 26.61
C ALA D 179 -5.00 45.63 26.82
N SER D 180 -3.92 45.57 26.05
CA SER D 180 -2.84 46.54 26.15
C SER D 180 -2.46 47.03 24.77
N SER D 181 -2.17 48.32 24.69
CA SER D 181 -1.67 48.91 23.45
C SER D 181 -0.42 49.71 23.76
N TYR D 182 0.53 49.65 22.83
CA TYR D 182 1.83 50.28 22.98
C TYR D 182 2.01 51.26 21.83
N LEU D 183 2.30 52.52 22.17
CA LEU D 183 2.64 53.55 21.20
C LEU D 183 4.13 53.81 21.33
N THR D 184 4.87 53.46 20.29
CA THR D 184 6.33 53.54 20.29
C THR D 184 6.79 54.68 19.39
N ARG D 185 7.62 55.57 19.95
CA ARG D 185 8.22 56.65 19.19
C ARG D 185 9.66 56.81 19.66
N THR D 186 10.42 57.61 18.92
CA THR D 186 11.73 58.01 19.41
C THR D 186 11.56 59.12 20.45
N SER D 187 12.51 59.16 21.39
CA SER D 187 12.39 60.07 22.53
C SER D 187 12.09 61.50 22.09
N THR D 188 12.75 61.97 21.03
CA THR D 188 12.51 63.32 20.55
C THR D 188 11.05 63.50 20.13
N GLU D 189 10.49 62.49 19.46
CA GLU D 189 9.09 62.57 19.07
C GLU D 189 8.20 62.81 20.29
N TRP D 190 8.39 62.03 21.34
CA TRP D 190 7.58 62.21 22.55
C TRP D 190 7.79 63.58 23.16
N LYS D 191 9.05 63.95 23.42
CA LYS D 191 9.32 65.22 24.07
C LYS D 191 8.89 66.42 23.22
N SER D 192 8.67 66.22 21.93
CA SER D 192 8.19 67.30 21.06
C SER D 192 6.67 67.36 21.01
N TYR D 193 5.98 66.24 21.15
CA TYR D 193 4.53 66.24 21.12
C TYR D 193 3.99 67.04 22.29
N SER D 194 2.85 67.70 22.06
CA SER D 194 2.21 68.46 23.13
C SER D 194 1.47 67.54 24.08
N SER D 195 0.73 66.57 23.56
CA SER D 195 -0.04 65.68 24.41
C SER D 195 -0.39 64.41 23.66
N VAL D 196 -0.11 63.27 24.25
CA VAL D 196 -0.57 61.99 23.72
C VAL D 196 -1.81 61.59 24.50
N SER D 197 -2.67 60.80 23.86
CA SER D 197 -3.91 60.37 24.48
C SER D 197 -4.27 58.98 23.98
N CYS D 198 -4.89 58.19 24.84
CA CYS D 198 -5.37 56.85 24.52
C CYS D 198 -6.86 56.81 24.77
N GLN D 199 -7.63 56.49 23.74
CA GLN D 199 -9.09 56.44 23.80
C GLN D 199 -9.57 55.02 23.60
N VAL D 200 -10.59 54.64 24.36
CA VAL D 200 -11.17 53.31 24.35
C VAL D 200 -12.65 53.43 24.02
N LYS D 201 -13.08 52.69 23.00
CA LYS D 201 -14.49 52.61 22.59
C LYS D 201 -14.98 51.20 22.88
N HIS D 202 -16.04 51.10 23.68
CA HIS D 202 -16.55 49.80 24.13
C HIS D 202 -18.01 49.95 24.54
N GLN D 203 -18.87 49.11 23.97
CA GLN D 203 -20.29 49.05 24.34
C GLN D 203 -20.93 50.44 24.27
N GLY D 204 -20.58 51.20 23.24
CA GLY D 204 -21.15 52.51 23.03
C GLY D 204 -20.52 53.61 23.82
N LYS D 205 -19.69 53.29 24.83
CA LYS D 205 -19.08 54.30 25.72
C LYS D 205 -17.76 54.78 25.13
N THR D 206 -17.23 55.91 25.62
CA THR D 206 -15.93 56.48 25.16
C THR D 206 -15.15 56.94 26.40
N VAL D 207 -13.96 56.40 26.62
CA VAL D 207 -13.11 56.73 27.81
C VAL D 207 -11.73 57.16 27.31
N GLU D 208 -11.44 58.46 27.27
CA GLU D 208 -10.16 58.96 26.80
C GLU D 208 -9.32 59.37 28.01
N LYS D 209 -8.06 58.96 28.01
CA LYS D 209 -7.09 59.41 29.00
C LYS D 209 -5.95 60.09 28.27
N LYS D 210 -5.37 61.10 28.90
CA LYS D 210 -4.34 61.89 28.25
C LYS D 210 -3.14 62.04 29.16
N LEU D 211 -1.94 62.11 28.60
CA LEU D 211 -0.70 62.32 29.39
C LEU D 211 0.27 63.14 28.53
N SER D 212 0.87 64.19 29.08
CA SER D 212 1.82 65.07 28.35
C SER D 212 3.12 65.22 29.15
N PRO D 213 4.28 65.42 28.50
CA PRO D 213 5.55 65.61 29.21
C PRO D 213 5.54 66.84 30.13
N VAL E 2 -9.22 -37.30 -13.37
CA VAL E 2 -9.45 -35.88 -13.59
C VAL E 2 -9.43 -35.53 -15.06
N GLN E 3 -10.41 -34.72 -15.48
CA GLN E 3 -10.48 -34.26 -16.87
C GLN E 3 -11.12 -32.88 -16.89
N LEU E 4 -10.42 -31.92 -17.49
CA LEU E 4 -10.82 -30.52 -17.51
C LEU E 4 -10.90 -30.12 -18.99
N THR E 5 -12.10 -29.85 -19.47
CA THR E 5 -12.33 -29.66 -20.90
C THR E 5 -12.82 -28.25 -21.16
N GLU E 6 -12.08 -27.50 -21.96
CA GLU E 6 -12.46 -26.14 -22.33
C GLU E 6 -13.30 -26.18 -23.60
N SER E 7 -14.23 -25.25 -23.68
CA SER E 7 -15.12 -25.13 -24.84
C SER E 7 -15.43 -23.66 -25.06
N GLY E 8 -15.50 -23.27 -26.33
CA GLY E 8 -15.81 -21.92 -26.68
C GLY E 8 -15.32 -21.52 -28.06
N PRO E 9 -15.58 -20.28 -28.43
CA PRO E 9 -15.19 -19.81 -29.76
C PRO E 9 -13.69 -19.66 -29.90
N GLY E 10 -13.15 -20.13 -31.02
CA GLY E 10 -11.75 -19.91 -31.33
C GLY E 10 -11.45 -18.58 -31.97
N LEU E 11 -12.48 -17.85 -32.41
CA LEU E 11 -12.32 -16.54 -33.03
C LEU E 11 -13.32 -15.58 -32.43
N VAL E 12 -12.82 -14.48 -31.87
CA VAL E 12 -13.66 -13.45 -31.27
C VAL E 12 -13.24 -12.10 -31.86
N LYS E 13 -14.22 -11.22 -32.02
CA LYS E 13 -13.94 -9.91 -32.60
C LYS E 13 -13.46 -8.94 -31.51
N PRO E 14 -12.60 -7.98 -31.88
CA PRO E 14 -12.00 -7.11 -30.86
C PRO E 14 -12.99 -6.30 -30.05
N SER E 15 -14.25 -6.25 -30.45
CA SER E 15 -15.27 -5.46 -29.76
C SER E 15 -16.30 -6.32 -29.05
N GLN E 16 -15.95 -7.55 -28.70
CA GLN E 16 -16.88 -8.48 -28.08
C GLN E 16 -16.37 -8.88 -26.70
N THR E 17 -16.95 -9.95 -26.16
CA THR E 17 -16.53 -10.53 -24.90
C THR E 17 -16.21 -12.01 -25.13
N LEU E 18 -15.02 -12.42 -24.70
CA LEU E 18 -14.63 -13.82 -24.75
C LEU E 18 -15.31 -14.56 -23.60
N SER E 19 -16.09 -15.59 -23.93
CA SER E 19 -16.76 -16.42 -22.95
C SER E 19 -16.32 -17.86 -23.17
N LEU E 20 -15.63 -18.42 -22.17
CA LEU E 20 -15.17 -19.81 -22.22
C LEU E 20 -15.81 -20.61 -21.11
N THR E 21 -16.10 -21.88 -21.40
CA THR E 21 -16.64 -22.80 -20.41
C THR E 21 -15.63 -23.90 -20.17
N CYS E 22 -15.61 -24.42 -18.94
CA CYS E 22 -14.74 -25.53 -18.57
C CYS E 22 -15.57 -26.56 -17.83
N THR E 23 -15.69 -27.74 -18.40
CA THR E 23 -16.37 -28.85 -17.76
C THR E 23 -15.35 -29.66 -16.97
N VAL E 24 -15.68 -29.95 -15.72
CA VAL E 24 -14.75 -30.57 -14.76
C VAL E 24 -15.29 -31.95 -14.41
N SER E 25 -14.40 -32.95 -14.43
CA SER E 25 -14.76 -34.31 -14.06
C SER E 25 -13.69 -34.90 -13.17
N GLY E 26 -14.03 -35.14 -11.90
CA GLY E 26 -13.12 -35.79 -10.98
C GLY E 26 -12.58 -34.89 -9.88
N LEU E 27 -12.97 -33.62 -9.85
CA LEU E 27 -12.49 -32.67 -8.87
C LEU E 27 -13.65 -32.06 -8.10
N SER E 28 -13.31 -31.39 -7.01
CA SER E 28 -14.27 -30.76 -6.13
C SER E 28 -14.27 -29.25 -6.36
N LEU E 29 -15.42 -28.70 -6.74
CA LEU E 29 -15.62 -27.25 -6.82
C LEU E 29 -16.28 -26.74 -5.55
N THR E 30 -15.94 -27.34 -4.40
CA THR E 30 -16.60 -27.04 -3.14
C THR E 30 -15.66 -26.84 -1.97
N ASN E 31 -14.39 -27.24 -2.07
CA ASN E 31 -13.46 -27.04 -0.95
C ASN E 31 -13.11 -25.57 -0.84
N ASN E 32 -13.28 -25.01 0.36
CA ASN E 32 -13.13 -23.57 0.54
C ASN E 32 -11.73 -23.10 0.15
N VAL E 33 -10.70 -23.93 0.39
CA VAL E 33 -9.33 -23.54 0.08
C VAL E 33 -8.84 -24.09 -1.25
N ALA E 34 -9.71 -24.75 -2.00
CA ALA E 34 -9.36 -25.24 -3.34
C ALA E 34 -9.92 -24.27 -4.38
N GLY E 35 -9.12 -24.01 -5.40
CA GLY E 35 -9.52 -23.11 -6.45
C GLY E 35 -9.64 -23.79 -7.80
N SER E 36 -10.40 -23.18 -8.70
CA SER E 36 -10.44 -23.59 -10.10
C SER E 36 -10.49 -22.32 -10.92
N GLY E 37 -9.71 -22.27 -11.99
CA GLY E 37 -9.65 -21.04 -12.75
C GLY E 37 -9.02 -21.14 -14.11
N TRP E 38 -8.39 -20.05 -14.52
CA TRP E 38 -7.93 -19.89 -15.89
C TRP E 38 -6.54 -19.30 -15.91
N VAL E 39 -5.68 -19.91 -16.73
CA VAL E 39 -4.37 -19.43 -17.09
C VAL E 39 -4.38 -19.23 -18.61
N ARG E 40 -3.45 -18.42 -19.11
CA ARG E 40 -3.36 -18.24 -20.55
C ARG E 40 -1.91 -18.08 -20.97
N GLN E 41 -1.66 -18.38 -22.24
CA GLN E 41 -0.34 -18.32 -22.83
C GLN E 41 -0.45 -17.65 -24.19
N ALA E 42 0.14 -16.49 -24.34
CA ALA E 42 0.08 -15.84 -25.64
C ALA E 42 1.25 -16.30 -26.50
N PRO E 43 1.11 -16.26 -27.82
CA PRO E 43 2.18 -16.75 -28.70
C PRO E 43 3.50 -16.06 -28.38
N GLY E 44 4.56 -16.86 -28.26
CA GLY E 44 5.85 -16.32 -27.91
C GLY E 44 5.87 -15.54 -26.61
N LYS E 45 4.92 -15.82 -25.72
CA LYS E 45 4.83 -15.17 -24.41
C LYS E 45 4.81 -16.24 -23.34
N GLY E 46 4.97 -15.80 -22.09
CA GLY E 46 4.97 -16.71 -20.96
C GLY E 46 3.57 -17.00 -20.45
N LEU E 47 3.52 -17.91 -19.47
CA LEU E 47 2.25 -18.24 -18.83
C LEU E 47 1.76 -17.06 -18.00
N GLU E 48 0.48 -16.72 -18.16
CA GLU E 48 -0.11 -15.58 -17.47
C GLU E 48 -1.37 -16.07 -16.75
N TRP E 49 -1.39 -15.90 -15.43
CA TRP E 49 -2.54 -16.30 -14.64
C TRP E 49 -3.68 -15.31 -14.86
N ILE E 50 -4.87 -15.84 -15.15
CA ILE E 50 -6.05 -14.99 -15.30
C ILE E 50 -6.75 -14.89 -13.96
N GLY E 51 -7.18 -16.03 -13.42
CA GLY E 51 -7.92 -15.93 -12.17
C GLY E 51 -8.34 -17.27 -11.63
N ASP E 52 -8.97 -17.22 -10.45
CA ASP E 52 -9.45 -18.38 -9.72
C ASP E 52 -10.78 -18.06 -9.06
N ILE E 53 -11.62 -19.08 -8.93
CA ILE E 53 -12.80 -19.05 -8.07
C ILE E 53 -12.68 -20.23 -7.11
N SER E 54 -12.92 -19.97 -5.83
CA SER E 54 -12.73 -20.97 -4.80
C SER E 54 -14.02 -21.75 -4.56
N GLY E 55 -13.91 -22.80 -3.74
CA GLY E 55 -15.07 -23.59 -3.38
C GLY E 55 -16.14 -22.78 -2.70
N ASP E 56 -15.80 -21.62 -2.15
CA ASP E 56 -16.76 -20.73 -1.52
C ASP E 56 -17.34 -19.71 -2.48
N GLY E 57 -16.89 -19.70 -3.74
CA GLY E 57 -17.29 -18.70 -4.69
C GLY E 57 -16.49 -17.43 -4.67
N VAL E 58 -15.46 -17.35 -3.82
CA VAL E 58 -14.60 -16.18 -3.76
C VAL E 58 -13.67 -16.17 -4.97
N THR E 59 -13.54 -14.99 -5.60
CA THR E 59 -12.72 -14.84 -6.79
C THR E 59 -11.43 -14.11 -6.48
N TYR E 60 -10.39 -14.49 -7.21
CA TYR E 60 -9.11 -13.79 -7.21
C TYR E 60 -8.68 -13.61 -8.66
N TYR E 61 -8.56 -12.36 -9.09
CA TYR E 61 -8.23 -12.05 -10.47
C TYR E 61 -6.83 -11.46 -10.55
N ASN E 62 -6.20 -11.66 -11.69
CA ASN E 62 -4.95 -10.98 -11.98
C ASN E 62 -5.22 -9.47 -11.97
N PRO E 63 -4.59 -8.69 -11.08
CA PRO E 63 -4.91 -7.26 -11.02
C PRO E 63 -4.85 -6.58 -12.39
N ALA E 64 -3.87 -6.94 -13.21
CA ALA E 64 -3.71 -6.26 -14.50
C ALA E 64 -4.89 -6.52 -15.43
N LEU E 65 -5.68 -7.55 -15.15
CA LEU E 65 -6.89 -7.82 -15.91
C LEU E 65 -8.16 -7.57 -15.12
N LYS E 66 -8.06 -7.26 -13.82
CA LYS E 66 -9.23 -7.21 -12.95
C LYS E 66 -10.44 -6.49 -13.54
N PRO E 67 -10.33 -5.31 -14.14
CA PRO E 67 -11.53 -4.61 -14.62
C PRO E 67 -12.32 -5.34 -15.70
N ARG E 68 -11.70 -6.30 -16.41
CA ARG E 68 -12.35 -6.93 -17.55
C ARG E 68 -12.69 -8.40 -17.35
N VAL E 69 -12.26 -9.02 -16.26
CA VAL E 69 -12.40 -10.46 -16.08
C VAL E 69 -13.52 -10.76 -15.09
N SER E 70 -14.23 -11.85 -15.36
CA SER E 70 -15.27 -12.35 -14.48
C SER E 70 -15.23 -13.86 -14.55
N ILE E 71 -14.97 -14.51 -13.41
CA ILE E 71 -14.97 -15.97 -13.31
C ILE E 71 -16.14 -16.37 -12.44
N THR E 72 -16.93 -17.32 -12.92
CA THR E 72 -18.10 -17.81 -12.20
C THR E 72 -18.12 -19.33 -12.29
N LYS E 73 -19.11 -19.94 -11.65
CA LYS E 73 -19.16 -21.39 -11.59
C LYS E 73 -20.60 -21.85 -11.40
N ASP E 74 -20.88 -23.05 -11.90
CA ASP E 74 -22.15 -23.75 -11.67
C ASP E 74 -21.77 -25.14 -11.16
N THR E 75 -21.93 -25.34 -9.85
CA THR E 75 -21.56 -26.61 -9.25
C THR E 75 -22.55 -27.72 -9.61
N SER E 76 -23.82 -27.37 -9.84
CA SER E 76 -24.78 -28.37 -10.28
C SER E 76 -24.38 -28.93 -11.64
N LYS E 77 -23.86 -28.08 -12.52
CA LYS E 77 -23.40 -28.50 -13.84
C LYS E 77 -21.92 -28.85 -13.84
N SER E 78 -21.23 -28.71 -12.71
CA SER E 78 -19.80 -28.98 -12.62
C SER E 78 -19.04 -28.24 -13.72
N GLN E 79 -19.24 -26.93 -13.76
CA GLN E 79 -18.61 -26.11 -14.79
C GLN E 79 -18.09 -24.81 -14.19
N VAL E 80 -17.03 -24.29 -14.80
CA VAL E 80 -16.46 -22.99 -14.45
C VAL E 80 -16.42 -22.14 -15.72
N TYR E 81 -16.81 -20.88 -15.60
CA TYR E 81 -16.94 -20.00 -16.74
C TYR E 81 -16.02 -18.79 -16.61
N LEU E 82 -15.42 -18.40 -17.73
CA LEU E 82 -14.57 -17.23 -17.83
C LEU E 82 -15.19 -16.24 -18.80
N ALA E 83 -15.11 -14.96 -18.45
CA ALA E 83 -15.58 -13.88 -19.33
C ALA E 83 -14.57 -12.75 -19.29
N LEU E 84 -14.10 -12.35 -20.47
CA LEU E 84 -13.10 -11.30 -20.60
C LEU E 84 -13.56 -10.31 -21.66
N ASN E 85 -13.83 -9.07 -21.25
CA ASN E 85 -14.33 -8.05 -22.16
C ASN E 85 -13.20 -7.10 -22.57
N ARG E 86 -13.55 -6.07 -23.32
CA ARG E 86 -12.60 -5.09 -23.84
C ARG E 86 -11.40 -5.79 -24.48
N LEU E 87 -11.71 -6.66 -25.44
CA LEU E 87 -10.68 -7.51 -26.02
C LEU E 87 -9.78 -6.72 -26.96
N THR E 88 -8.54 -7.18 -27.05
CA THR E 88 -7.54 -6.60 -27.94
C THR E 88 -6.73 -7.73 -28.53
N GLY E 89 -5.90 -7.41 -29.51
CA GLY E 89 -5.00 -8.41 -30.07
C GLY E 89 -4.12 -9.05 -29.00
N GLU E 90 -3.83 -8.30 -27.93
CA GLU E 90 -3.01 -8.83 -26.85
C GLU E 90 -3.71 -9.94 -26.07
N ASP E 91 -5.02 -10.08 -26.21
CA ASP E 91 -5.75 -11.15 -25.55
C ASP E 91 -5.80 -12.43 -26.38
N THR E 92 -5.21 -12.43 -27.57
CA THR E 92 -5.10 -13.65 -28.37
C THR E 92 -4.13 -14.60 -27.68
N ALA E 93 -4.60 -15.81 -27.37
CA ALA E 93 -3.75 -16.74 -26.62
C ALA E 93 -4.45 -18.09 -26.49
N VAL E 94 -3.71 -19.05 -25.95
CA VAL E 94 -4.25 -20.34 -25.55
C VAL E 94 -4.73 -20.20 -24.12
N TYR E 95 -6.01 -20.50 -23.89
CA TYR E 95 -6.62 -20.42 -22.57
C TYR E 95 -6.74 -21.82 -21.99
N TYR E 96 -6.08 -22.03 -20.85
CA TYR E 96 -6.12 -23.29 -20.13
C TYR E 96 -7.05 -23.16 -18.93
N CYS E 97 -7.96 -24.12 -18.81
CA CYS E 97 -8.70 -24.32 -17.57
C CYS E 97 -7.83 -25.13 -16.61
N VAL E 98 -7.81 -24.72 -15.34
CA VAL E 98 -6.96 -25.35 -14.34
C VAL E 98 -7.78 -25.61 -13.09
N GLY E 99 -7.41 -26.68 -12.39
CA GLY E 99 -8.06 -27.02 -11.14
C GLY E 99 -7.01 -27.38 -10.08
N ASN E 100 -7.24 -26.89 -8.87
CA ASN E 100 -6.29 -27.06 -7.78
C ASN E 100 -6.92 -27.96 -6.73
N ALA E 101 -6.41 -29.20 -6.64
CA ALA E 101 -6.89 -30.17 -5.66
C ALA E 101 -6.23 -29.92 -4.30
N ASP E 102 -6.40 -28.69 -3.81
CA ASP E 102 -5.86 -28.32 -2.51
C ASP E 102 -6.70 -28.91 -1.39
N VAL E 103 -6.07 -29.04 -0.23
CA VAL E 103 -6.68 -29.76 0.89
C VAL E 103 -6.74 -28.87 2.13
N TYR E 104 -5.58 -28.48 2.65
CA TYR E 104 -5.51 -27.72 3.89
C TYR E 104 -5.34 -26.22 3.66
N TYR E 105 -4.63 -25.80 2.61
CA TYR E 105 -4.47 -24.39 2.34
C TYR E 105 -4.32 -24.16 0.85
N TRP E 106 -4.48 -22.89 0.46
CA TRP E 106 -4.39 -22.46 -0.93
C TRP E 106 -3.14 -23.01 -1.60
N ARG E 107 -3.34 -23.72 -2.72
CA ARG E 107 -2.27 -24.21 -3.58
C ARG E 107 -1.37 -25.25 -2.90
N ASP E 108 -1.88 -25.95 -1.89
CA ASP E 108 -1.11 -27.02 -1.27
C ASP E 108 -1.23 -28.36 -2.01
N GLY E 109 -2.09 -28.44 -3.02
CA GLY E 109 -2.37 -29.67 -3.72
C GLY E 109 -1.93 -29.67 -5.17
N GLU E 110 -2.19 -30.80 -5.82
CA GLU E 110 -1.81 -30.97 -7.21
C GLU E 110 -2.64 -30.05 -8.11
N LYS E 111 -2.01 -29.59 -9.18
CA LYS E 111 -2.65 -28.73 -10.17
C LYS E 111 -2.89 -29.53 -11.44
N TYR E 112 -4.12 -29.51 -11.94
CA TYR E 112 -4.51 -30.22 -13.15
C TYR E 112 -4.85 -29.22 -14.24
N TRP E 113 -4.42 -29.55 -15.47
CA TRP E 113 -4.60 -28.69 -16.62
C TRP E 113 -5.54 -29.32 -17.63
N GLY E 114 -6.33 -28.48 -18.29
CA GLY E 114 -7.05 -28.85 -19.48
C GLY E 114 -6.15 -28.80 -20.70
N GLN E 115 -6.72 -29.21 -21.84
CA GLN E 115 -5.89 -29.32 -23.04
C GLN E 115 -5.62 -27.97 -23.68
N GLY E 116 -6.27 -26.91 -23.22
CA GLY E 116 -6.05 -25.59 -23.77
C GLY E 116 -6.97 -25.37 -24.95
N ILE E 117 -7.47 -24.14 -25.11
CA ILE E 117 -8.27 -23.78 -26.27
C ILE E 117 -7.68 -22.50 -26.83
N LEU E 118 -7.37 -22.50 -28.11
CA LEU E 118 -6.77 -21.32 -28.73
C LEU E 118 -7.87 -20.34 -29.11
N VAL E 119 -7.74 -19.09 -28.65
CA VAL E 119 -8.69 -18.03 -28.95
C VAL E 119 -7.92 -16.89 -29.59
N THR E 120 -8.33 -16.52 -30.80
CA THR E 120 -7.72 -15.43 -31.55
C THR E 120 -8.67 -14.25 -31.55
N VAL E 121 -8.14 -13.06 -31.28
CA VAL E 121 -8.92 -11.83 -31.30
C VAL E 121 -8.58 -11.10 -32.59
N SER E 122 -9.54 -11.04 -33.51
CA SER E 122 -9.33 -10.40 -34.80
C SER E 122 -10.67 -9.97 -35.36
N SER E 123 -10.65 -8.86 -36.09
CA SER E 123 -11.82 -8.44 -36.85
C SER E 123 -11.96 -9.21 -38.16
N ALA E 124 -10.95 -9.98 -38.54
CA ALA E 124 -11.04 -10.83 -39.72
C ALA E 124 -11.93 -12.03 -39.45
N SER E 125 -12.41 -12.63 -40.53
CA SER E 125 -13.30 -13.78 -40.45
C SER E 125 -12.54 -15.07 -40.76
N THR E 126 -13.16 -16.19 -40.42
CA THR E 126 -12.52 -17.48 -40.59
C THR E 126 -12.33 -17.80 -42.06
N THR E 127 -11.22 -18.47 -42.38
CA THR E 127 -10.94 -18.96 -43.72
C THR E 127 -10.60 -20.44 -43.61
N ALA E 128 -11.38 -21.28 -44.26
CA ALA E 128 -11.13 -22.71 -44.19
C ALA E 128 -9.86 -23.04 -44.97
N PRO E 129 -9.18 -24.13 -44.60
CA PRO E 129 -7.94 -24.50 -45.26
C PRO E 129 -8.13 -25.22 -46.60
N LYS E 130 -7.20 -25.03 -47.54
CA LYS E 130 -7.20 -25.76 -48.82
C LYS E 130 -6.13 -26.82 -48.70
N VAL E 131 -6.51 -28.10 -48.57
CA VAL E 131 -5.55 -29.22 -48.38
C VAL E 131 -5.04 -29.67 -49.75
N PHE E 132 -3.74 -29.52 -50.02
CA PHE E 132 -3.11 -29.93 -51.25
C PHE E 132 -2.27 -31.18 -51.02
N PRO E 133 -2.19 -32.10 -51.99
CA PRO E 133 -1.39 -33.31 -51.78
C PRO E 133 0.10 -33.01 -51.93
N LEU E 134 0.90 -33.87 -51.30
CA LEU E 134 2.36 -33.77 -51.35
C LEU E 134 2.89 -35.17 -51.67
N ALA E 135 3.22 -35.39 -52.94
CA ALA E 135 3.87 -36.62 -53.37
C ALA E 135 4.92 -36.23 -54.40
N SER E 136 6.10 -36.83 -54.28
CA SER E 136 7.19 -36.47 -55.18
C SER E 136 8.19 -37.61 -55.27
N HIS E 137 8.75 -37.77 -56.47
CA HIS E 137 9.92 -38.61 -56.65
C HIS E 137 11.08 -38.15 -55.78
N SER E 138 11.12 -36.85 -55.44
CA SER E 138 12.17 -36.30 -54.60
C SER E 138 11.82 -36.35 -53.11
N ALA E 139 10.91 -37.26 -52.72
CA ALA E 139 10.54 -37.44 -51.33
C ALA E 139 11.05 -38.77 -50.77
N ALA E 140 12.05 -39.38 -51.43
CA ALA E 140 12.55 -40.69 -51.02
C ALA E 140 13.40 -40.53 -49.78
N THR E 141 12.75 -40.67 -48.61
CA THR E 141 13.46 -40.62 -47.34
C THR E 141 14.63 -41.59 -47.33
N SER E 142 14.38 -42.84 -47.71
CA SER E 142 15.41 -43.86 -47.82
C SER E 142 15.11 -44.70 -49.06
N GLY E 143 15.82 -45.82 -49.20
CA GLY E 143 15.61 -46.66 -50.36
C GLY E 143 14.44 -47.61 -50.21
N SER E 144 14.13 -48.00 -48.98
CA SER E 144 12.98 -48.85 -48.67
C SER E 144 11.73 -48.06 -48.29
N THR E 145 11.84 -46.77 -48.02
CA THR E 145 10.71 -45.98 -47.52
C THR E 145 10.56 -44.69 -48.30
N VAL E 146 9.30 -44.32 -48.54
CA VAL E 146 8.96 -43.08 -49.24
C VAL E 146 8.19 -42.20 -48.26
N ALA E 147 8.15 -40.91 -48.57
CA ALA E 147 7.47 -39.93 -47.74
C ALA E 147 6.37 -39.26 -48.54
N LEU E 148 5.15 -39.25 -48.01
CA LEU E 148 4.06 -38.51 -48.60
C LEU E 148 3.49 -37.56 -47.56
N GLY E 149 2.60 -36.68 -47.98
CA GLY E 149 1.99 -35.79 -47.01
C GLY E 149 0.88 -34.97 -47.62
N CYS E 150 0.38 -34.03 -46.82
CA CYS E 150 -0.54 -33.02 -47.34
C CYS E 150 -0.25 -31.68 -46.69
N LEU E 151 -0.38 -30.63 -47.49
CA LEU E 151 -0.12 -29.26 -47.08
C LEU E 151 -1.46 -28.57 -46.85
N VAL E 152 -1.69 -28.14 -45.61
CA VAL E 152 -2.85 -27.36 -45.24
C VAL E 152 -2.50 -25.89 -45.43
N SER E 153 -3.20 -25.21 -46.34
CA SER E 153 -2.81 -23.89 -46.80
C SER E 153 -3.90 -22.87 -46.55
N SER E 154 -3.49 -21.67 -46.10
CA SER E 154 -4.32 -20.46 -46.14
C SER E 154 -5.59 -20.63 -45.32
N TYR E 155 -5.41 -20.69 -44.00
CA TYR E 155 -6.51 -20.79 -43.07
C TYR E 155 -6.32 -19.81 -41.92
N PHE E 156 -7.45 -19.44 -41.30
CA PHE E 156 -7.48 -18.52 -40.16
C PHE E 156 -8.76 -18.78 -39.38
N PRO E 157 -8.73 -18.84 -38.04
CA PRO E 157 -7.55 -18.71 -37.16
C PRO E 157 -6.64 -19.93 -37.20
N GLU E 158 -5.69 -20.02 -36.27
CA GLU E 158 -4.60 -20.98 -36.35
C GLU E 158 -4.93 -22.42 -35.95
N PRO E 159 -5.87 -22.69 -35.03
CA PRO E 159 -6.02 -24.07 -34.53
C PRO E 159 -6.46 -24.99 -35.66
N VAL E 160 -5.58 -25.90 -36.07
CA VAL E 160 -5.92 -26.92 -37.06
C VAL E 160 -5.28 -28.23 -36.64
N THR E 161 -6.02 -29.32 -36.79
CA THR E 161 -5.55 -30.65 -36.46
C THR E 161 -5.38 -31.48 -37.73
N VAL E 162 -4.49 -32.46 -37.69
CA VAL E 162 -4.23 -33.32 -38.83
C VAL E 162 -4.14 -34.76 -38.35
N SER E 163 -4.82 -35.66 -39.07
CA SER E 163 -4.82 -37.08 -38.80
C SER E 163 -4.49 -37.81 -40.11
N TRP E 164 -4.18 -39.10 -40.00
CA TRP E 164 -3.91 -39.93 -41.18
C TRP E 164 -4.72 -41.20 -41.08
N ASN E 165 -5.47 -41.51 -42.14
CA ASN E 165 -6.32 -42.69 -42.19
C ASN E 165 -7.25 -42.76 -40.98
N SER E 166 -7.73 -41.58 -40.56
CA SER E 166 -8.65 -41.48 -39.43
C SER E 166 -8.03 -42.03 -38.16
N GLY E 167 -6.73 -41.81 -37.99
CA GLY E 167 -6.03 -42.23 -36.80
C GLY E 167 -5.52 -43.65 -36.83
N ALA E 168 -5.91 -44.46 -37.82
CA ALA E 168 -5.37 -45.80 -37.92
C ALA E 168 -3.87 -45.78 -38.21
N LEU E 169 -3.41 -44.76 -38.93
CA LEU E 169 -2.00 -44.63 -39.28
C LEU E 169 -1.37 -43.59 -38.36
N THR E 170 -0.52 -44.04 -37.44
CA THR E 170 0.20 -43.15 -36.54
C THR E 170 1.71 -43.31 -36.62
N SER E 171 2.22 -44.45 -37.07
CA SER E 171 3.65 -44.66 -37.17
C SER E 171 4.23 -43.89 -38.35
N GLY E 172 5.36 -43.22 -38.11
CA GLY E 172 6.01 -42.45 -39.14
C GLY E 172 5.35 -41.14 -39.46
N VAL E 173 4.41 -40.69 -38.65
CA VAL E 173 3.68 -39.46 -38.91
C VAL E 173 4.38 -38.31 -38.20
N HIS E 174 4.33 -37.13 -38.82
CA HIS E 174 4.78 -35.91 -38.16
C HIS E 174 4.07 -34.72 -38.78
N THR E 175 3.40 -33.95 -37.95
CA THR E 175 2.79 -32.68 -38.35
C THR E 175 3.68 -31.55 -37.87
N PHE E 176 3.91 -30.59 -38.74
CA PHE E 176 4.88 -29.54 -38.47
C PHE E 176 4.19 -28.35 -37.82
N PRO E 177 4.96 -27.44 -37.23
CA PRO E 177 4.37 -26.19 -36.75
C PRO E 177 3.86 -25.35 -37.90
N SER E 178 2.97 -24.42 -37.58
CA SER E 178 2.37 -23.60 -38.61
C SER E 178 3.31 -22.46 -39.00
N VAL E 179 2.93 -21.76 -40.06
CA VAL E 179 3.69 -20.62 -40.55
C VAL E 179 2.70 -19.56 -41.01
N LEU E 180 3.01 -18.29 -40.73
CA LEU E 180 2.16 -17.17 -41.12
C LEU E 180 2.73 -16.54 -42.38
N GLN E 181 2.00 -16.66 -43.49
CA GLN E 181 2.42 -16.09 -44.76
C GLN E 181 2.08 -14.61 -44.82
N SER E 182 2.65 -13.92 -45.81
CA SER E 182 2.39 -12.50 -46.00
C SER E 182 0.90 -12.22 -46.21
N SER E 183 0.16 -13.22 -46.70
CA SER E 183 -1.28 -13.05 -46.92
C SER E 183 -2.04 -12.81 -45.62
N GLY E 184 -1.44 -13.10 -44.48
CA GLY E 184 -2.15 -13.04 -43.23
C GLY E 184 -2.85 -14.33 -42.85
N LEU E 185 -2.61 -15.42 -43.59
CA LEU E 185 -3.18 -16.72 -43.30
C LEU E 185 -2.08 -17.70 -42.95
N TYR E 186 -2.49 -18.82 -42.35
CA TYR E 186 -1.58 -19.81 -41.81
C TYR E 186 -1.48 -21.01 -42.75
N SER E 187 -0.31 -21.66 -42.73
CA SER E 187 -0.11 -22.88 -43.49
C SER E 187 0.79 -23.82 -42.68
N LEU E 188 0.49 -25.10 -42.75
CA LEU E 188 1.33 -26.13 -42.15
C LEU E 188 1.34 -27.35 -43.07
N SER E 189 2.27 -28.26 -42.80
CA SER E 189 2.39 -29.49 -43.57
C SER E 189 2.37 -30.68 -42.63
N SER E 190 1.67 -31.74 -43.01
CA SER E 190 1.75 -33.01 -42.33
C SER E 190 2.38 -34.03 -43.27
N MET E 191 3.17 -34.94 -42.71
CA MET E 191 3.90 -35.91 -43.51
C MET E 191 3.80 -37.27 -42.83
N VAL E 192 3.99 -38.32 -43.62
CA VAL E 192 4.12 -39.67 -43.10
C VAL E 192 5.04 -40.46 -44.01
N THR E 193 5.92 -41.23 -43.39
CA THR E 193 6.80 -42.16 -44.09
C THR E 193 6.13 -43.53 -44.16
N VAL E 194 6.12 -44.11 -45.35
CA VAL E 194 5.42 -45.37 -45.60
C VAL E 194 6.36 -46.30 -46.36
N PRO E 195 6.09 -47.60 -46.32
CA PRO E 195 6.87 -48.53 -47.17
C PRO E 195 6.58 -48.27 -48.63
N ALA E 196 7.65 -48.18 -49.43
CA ALA E 196 7.48 -47.96 -50.86
C ALA E 196 6.65 -49.06 -51.52
N SER E 197 6.75 -50.29 -51.02
CA SER E 197 6.03 -51.40 -51.63
C SER E 197 4.52 -51.23 -51.52
N SER E 198 4.05 -50.56 -50.46
CA SER E 198 2.62 -50.45 -50.18
C SER E 198 1.95 -49.31 -50.95
N LEU E 199 2.71 -48.51 -51.71
CA LEU E 199 2.14 -47.33 -52.33
C LEU E 199 0.97 -47.71 -53.23
N LYS E 200 1.07 -48.82 -53.95
CA LYS E 200 0.02 -49.28 -54.84
C LYS E 200 -0.95 -50.21 -54.13
N SER E 201 -0.64 -50.64 -52.91
CA SER E 201 -1.49 -51.54 -52.15
C SER E 201 -2.26 -50.87 -51.03
N GLN E 202 -1.72 -49.79 -50.45
CA GLN E 202 -2.37 -49.11 -49.34
C GLN E 202 -2.84 -47.72 -49.74
N THR E 203 -4.02 -47.35 -49.25
CA THR E 203 -4.56 -46.01 -49.46
C THR E 203 -4.12 -45.12 -48.30
N TYR E 204 -3.75 -43.88 -48.63
CA TYR E 204 -3.22 -42.94 -47.64
C TYR E 204 -4.00 -41.63 -47.76
N ILE E 205 -4.89 -41.39 -46.80
CA ILE E 205 -5.70 -40.18 -46.76
C ILE E 205 -5.34 -39.43 -45.48
N CYS E 206 -5.25 -38.11 -45.59
CA CYS E 206 -5.08 -37.26 -44.43
C CYS E 206 -6.38 -36.50 -44.15
N ASN E 207 -6.65 -36.29 -42.86
CA ASN E 207 -7.91 -35.69 -42.39
C ASN E 207 -7.61 -34.41 -41.64
N VAL E 208 -7.70 -33.26 -42.31
CA VAL E 208 -7.45 -31.94 -41.68
C VAL E 208 -8.76 -31.50 -41.00
N ALA E 209 -8.67 -30.83 -39.87
CA ALA E 209 -9.83 -30.35 -39.12
C ALA E 209 -9.58 -28.92 -38.70
N HIS E 210 -10.42 -28.00 -39.19
CA HIS E 210 -10.39 -26.59 -38.83
C HIS E 210 -11.62 -26.29 -37.97
N PRO E 211 -11.47 -26.18 -36.63
CA PRO E 211 -12.66 -26.03 -35.79
C PRO E 211 -13.30 -24.66 -35.90
N ALA E 212 -12.51 -23.60 -36.11
CA ALA E 212 -13.09 -22.26 -36.18
C ALA E 212 -14.06 -22.13 -37.34
N SER E 213 -13.81 -22.84 -38.44
CA SER E 213 -14.71 -22.87 -39.57
C SER E 213 -15.61 -24.09 -39.59
N SER E 214 -15.51 -24.97 -38.59
CA SER E 214 -16.32 -26.18 -38.51
C SER E 214 -16.17 -27.00 -39.80
N THR E 215 -14.91 -27.19 -40.21
CA THR E 215 -14.62 -27.87 -41.46
C THR E 215 -13.73 -29.07 -41.22
N LYS E 216 -13.94 -30.13 -42.00
CA LYS E 216 -13.09 -31.30 -41.97
C LYS E 216 -12.85 -31.73 -43.42
N VAL E 217 -11.61 -31.59 -43.87
CA VAL E 217 -11.22 -31.96 -45.23
C VAL E 217 -10.52 -33.31 -45.17
N ASP E 218 -10.81 -34.16 -46.15
CA ASP E 218 -10.14 -35.45 -46.31
C ASP E 218 -9.49 -35.47 -47.69
N LYS E 219 -8.16 -35.55 -47.71
CA LYS E 219 -7.41 -35.54 -48.96
C LYS E 219 -6.74 -36.89 -49.13
N LYS E 220 -7.10 -37.59 -50.18
CA LYS E 220 -6.43 -38.84 -50.54
C LYS E 220 -5.17 -38.48 -51.32
N ILE E 221 -4.06 -39.12 -50.97
CA ILE E 221 -2.79 -38.89 -51.66
C ILE E 221 -2.71 -39.92 -52.77
N VAL E 222 -2.82 -39.46 -54.02
CA VAL E 222 -2.84 -40.33 -55.17
C VAL E 222 -1.47 -40.28 -55.82
N ILE E 223 -0.88 -41.46 -56.02
CA ILE E 223 0.45 -41.59 -56.60
C ILE E 223 0.24 -41.99 -58.05
N LYS E 224 0.27 -41.01 -58.94
CA LYS E 224 0.02 -41.22 -60.36
C LYS E 224 1.28 -40.95 -61.16
N GLU E 225 1.50 -41.74 -62.21
CA GLU E 225 2.59 -41.53 -63.13
C GLU E 225 2.09 -40.78 -64.36
N CYS E 226 2.97 -39.93 -64.90
CA CYS E 226 2.59 -39.08 -66.02
C CYS E 226 3.03 -39.68 -67.36
N SER F 2 7.00 -10.40 -9.54
CA SER F 2 7.82 -10.99 -10.60
C SER F 2 8.80 -12.03 -10.06
N VAL F 3 8.72 -13.23 -10.62
CA VAL F 3 9.69 -14.29 -10.36
C VAL F 3 10.46 -14.54 -11.65
N THR F 4 11.78 -14.69 -11.53
CA THR F 4 12.65 -14.82 -12.68
C THR F 4 13.35 -16.17 -12.65
N GLN F 5 13.39 -16.83 -13.81
CA GLN F 5 14.11 -18.08 -13.99
C GLN F 5 14.99 -17.97 -15.23
N PRO F 6 16.08 -18.74 -15.29
CA PRO F 6 16.98 -18.65 -16.44
C PRO F 6 16.24 -18.95 -17.74
N ALA F 7 16.65 -18.26 -18.81
CA ALA F 7 16.00 -18.43 -20.10
C ALA F 7 16.32 -19.79 -20.71
N SER F 8 17.48 -20.35 -20.38
CA SER F 8 17.91 -21.60 -21.00
C SER F 8 18.83 -22.35 -20.05
N VAL F 9 18.71 -23.68 -20.06
CA VAL F 9 19.57 -24.57 -19.31
C VAL F 9 19.93 -25.74 -20.22
N SER F 10 21.18 -26.16 -20.18
CA SER F 10 21.67 -27.27 -20.98
C SER F 10 22.15 -28.39 -20.08
N GLY F 11 21.95 -29.62 -20.55
CA GLY F 11 22.38 -30.79 -19.79
C GLY F 11 22.66 -31.94 -20.72
N THR F 12 23.59 -32.79 -20.31
CA THR F 12 23.94 -33.99 -21.05
C THR F 12 23.17 -35.17 -20.47
N LEU F 13 22.91 -36.17 -21.31
CA LEU F 13 22.12 -37.31 -20.88
C LEU F 13 22.80 -37.99 -19.69
N GLY F 14 22.04 -38.16 -18.61
CA GLY F 14 22.56 -38.71 -17.38
C GLY F 14 23.05 -37.66 -16.38
N GLN F 15 23.29 -36.44 -16.85
CA GLN F 15 23.81 -35.35 -16.00
C GLN F 15 22.67 -34.79 -15.15
N THR F 16 22.93 -34.45 -13.88
CA THR F 16 21.95 -33.83 -13.00
C THR F 16 21.89 -32.34 -13.33
N VAL F 17 20.68 -31.81 -13.43
CA VAL F 17 20.46 -30.42 -13.82
C VAL F 17 19.51 -29.78 -12.83
N THR F 18 19.62 -28.46 -12.69
CA THR F 18 18.73 -27.69 -11.84
C THR F 18 18.24 -26.46 -12.59
N ILE F 19 16.96 -26.16 -12.43
CA ILE F 19 16.35 -24.91 -12.88
C ILE F 19 15.91 -24.14 -11.64
N SER F 20 16.32 -22.89 -11.54
CA SER F 20 16.10 -22.09 -10.34
C SER F 20 15.13 -20.95 -10.65
N CYS F 21 14.30 -20.63 -9.65
CA CYS F 21 13.23 -19.64 -9.76
C CYS F 21 13.36 -18.68 -8.59
N SER F 22 13.72 -17.43 -8.87
CA SER F 22 13.98 -16.45 -7.84
C SER F 22 12.78 -15.53 -7.66
N GLY F 23 12.35 -15.35 -6.41
CA GLY F 23 11.21 -14.51 -6.11
C GLY F 23 11.37 -13.67 -4.86
N SER F 24 10.30 -13.55 -4.08
CA SER F 24 10.26 -12.71 -2.89
C SER F 24 9.70 -13.49 -1.72
N LYS F 25 9.74 -12.86 -0.53
CA LYS F 25 9.10 -13.43 0.64
C LYS F 25 7.58 -13.44 0.51
N SER F 26 7.03 -12.55 -0.31
CA SER F 26 5.58 -12.51 -0.49
C SER F 26 5.07 -13.67 -1.32
N ASN F 27 5.92 -14.31 -2.12
CA ASN F 27 5.49 -15.43 -2.95
C ASN F 27 6.29 -16.68 -2.66
N ILE F 28 7.43 -16.87 -3.33
CA ILE F 28 8.19 -18.11 -3.18
C ILE F 28 8.56 -18.33 -1.73
N GLY F 29 8.90 -17.27 -1.01
CA GLY F 29 9.27 -17.39 0.39
C GLY F 29 8.13 -17.40 1.36
N ASP F 30 6.88 -17.33 0.90
CA ASP F 30 5.75 -17.32 1.81
C ASP F 30 5.54 -18.70 2.41
N THR F 31 5.16 -18.73 3.69
CA THR F 31 4.92 -19.95 4.42
C THR F 31 3.47 -20.02 4.90
N PRO F 32 2.82 -21.19 4.83
CA PRO F 32 3.28 -22.48 4.27
C PRO F 32 3.62 -22.36 2.78
N SER F 33 4.53 -23.19 2.29
CA SER F 33 5.14 -22.97 0.98
C SER F 33 4.30 -23.55 -0.14
N TYR F 34 4.24 -22.82 -1.25
CA TYR F 34 3.72 -23.34 -2.51
C TYR F 34 4.63 -22.87 -3.64
N VAL F 35 5.20 -23.82 -4.37
CA VAL F 35 5.93 -23.52 -5.60
C VAL F 35 5.67 -24.68 -6.56
N GLY F 36 4.97 -24.39 -7.66
CA GLY F 36 4.70 -25.40 -8.66
C GLY F 36 5.74 -25.37 -9.77
N TRP F 37 6.06 -26.55 -10.27
CA TRP F 37 6.93 -26.72 -11.44
C TRP F 37 6.17 -27.51 -12.48
N PHE F 38 6.14 -26.97 -13.71
CA PHE F 38 5.35 -27.53 -14.80
C PHE F 38 6.22 -27.71 -16.03
N GLN F 39 6.07 -28.86 -16.67
CA GLN F 39 6.76 -29.19 -17.91
C GLN F 39 5.82 -29.00 -19.09
N GLN F 40 6.34 -28.39 -20.15
CA GLN F 40 5.56 -28.14 -21.36
C GLN F 40 6.40 -28.51 -22.58
N ILE F 41 5.87 -29.40 -23.39
CA ILE F 41 6.47 -29.70 -24.71
C ILE F 41 5.85 -28.71 -25.70
N PRO F 42 6.67 -27.88 -26.37
CA PRO F 42 6.10 -26.85 -27.25
C PRO F 42 4.93 -27.33 -28.10
N GLY F 43 3.81 -26.61 -28.03
CA GLY F 43 2.60 -26.98 -28.73
C GLY F 43 1.64 -27.87 -27.96
N THR F 44 1.94 -28.17 -26.69
CA THR F 44 1.09 -29.00 -25.84
C THR F 44 0.72 -28.21 -24.59
N ALA F 45 -0.18 -28.78 -23.80
CA ALA F 45 -0.53 -28.15 -22.53
C ALA F 45 0.48 -28.52 -21.45
N PRO F 46 0.70 -27.62 -20.47
CA PRO F 46 1.63 -27.89 -19.38
C PRO F 46 1.17 -29.06 -18.50
N LYS F 47 2.13 -29.81 -17.94
CA LYS F 47 1.85 -30.93 -17.03
C LYS F 47 2.47 -30.53 -15.70
N THR F 48 1.88 -30.89 -14.57
CA THR F 48 2.41 -30.51 -13.24
C THR F 48 3.50 -31.48 -12.83
N LEU F 49 4.73 -31.01 -12.66
CA LEU F 49 5.80 -31.84 -12.11
C LEU F 49 5.83 -31.76 -10.58
N ILE F 50 5.99 -30.55 -10.05
CA ILE F 50 6.03 -30.33 -8.61
C ILE F 50 4.83 -29.47 -8.23
N TYR F 51 4.25 -29.76 -7.06
CA TYR F 51 3.12 -28.99 -6.57
C TYR F 51 3.29 -28.75 -5.08
N GLY F 52 2.50 -27.79 -4.57
CA GLY F 52 2.46 -27.54 -3.14
C GLY F 52 3.83 -27.34 -2.55
N ASP F 53 4.11 -28.06 -1.46
CA ASP F 53 5.36 -27.92 -0.71
C ASP F 53 6.41 -28.88 -1.27
N GLY F 54 6.85 -28.58 -2.48
CA GLY F 54 7.86 -29.39 -3.13
C GLY F 54 7.49 -30.86 -3.22
N LYS F 55 6.22 -31.15 -3.46
CA LYS F 55 5.72 -32.51 -3.57
C LYS F 55 5.64 -32.91 -5.03
N ARG F 56 6.00 -34.16 -5.33
CA ARG F 56 6.01 -34.66 -6.72
C ARG F 56 4.61 -35.10 -7.09
N ALA F 57 4.13 -34.68 -8.26
CA ALA F 57 2.79 -34.97 -8.71
C ALA F 57 2.66 -36.47 -9.01
N SER F 58 1.41 -36.91 -9.16
CA SER F 58 1.14 -38.31 -9.43
C SER F 58 1.67 -38.71 -10.80
N GLY F 59 2.40 -39.82 -10.85
CA GLY F 59 2.90 -40.34 -12.11
C GLY F 59 4.12 -39.64 -12.66
N VAL F 60 4.71 -38.74 -11.90
CA VAL F 60 5.91 -38.03 -12.36
C VAL F 60 7.12 -38.88 -12.00
N PRO F 61 8.09 -39.05 -12.90
CA PRO F 61 9.25 -39.87 -12.57
C PRO F 61 9.96 -39.39 -11.30
N ASP F 62 10.66 -40.33 -10.65
CA ASP F 62 11.37 -40.02 -9.41
C ASP F 62 12.49 -39.01 -9.61
N ARG F 63 13.03 -38.88 -10.82
CA ARG F 63 14.20 -38.02 -11.02
C ARG F 63 13.86 -36.54 -10.86
N PHE F 64 12.59 -36.16 -10.93
CA PHE F 64 12.18 -34.78 -10.72
C PHE F 64 11.93 -34.54 -9.23
N SER F 65 12.51 -33.47 -8.70
CA SER F 65 12.24 -33.09 -7.31
C SER F 65 12.26 -31.57 -7.18
N GLY F 66 11.55 -31.08 -6.17
CA GLY F 66 11.43 -29.65 -5.97
C GLY F 66 11.78 -29.25 -4.55
N SER F 67 12.46 -28.12 -4.43
CA SER F 67 12.92 -27.62 -3.14
C SER F 67 12.82 -26.10 -3.11
N VAL F 68 12.91 -25.53 -1.91
CA VAL F 68 12.86 -24.09 -1.71
C VAL F 68 13.84 -23.71 -0.61
N SER F 69 14.63 -22.66 -0.87
CA SER F 69 15.53 -22.07 0.12
C SER F 69 15.29 -20.57 0.13
N GLU F 70 14.84 -20.04 1.26
CA GLU F 70 14.49 -18.63 1.36
C GLU F 70 13.50 -18.27 0.27
N ASN F 71 13.84 -17.34 -0.62
CA ASN F 71 12.95 -16.88 -1.68
C ASN F 71 13.31 -17.46 -3.04
N THR F 72 14.07 -18.56 -3.07
CA THR F 72 14.51 -19.17 -4.32
C THR F 72 14.10 -20.63 -4.33
N ALA F 73 13.33 -21.03 -5.34
CA ALA F 73 12.93 -22.41 -5.52
C ALA F 73 13.81 -23.07 -6.57
N THR F 74 13.85 -24.40 -6.54
CA THR F 74 14.75 -25.14 -7.42
C THR F 74 14.12 -26.47 -7.81
N LEU F 75 14.05 -26.71 -9.11
CA LEU F 75 13.71 -28.01 -9.66
C LEU F 75 15.00 -28.74 -9.99
N THR F 76 15.09 -30.01 -9.58
CA THR F 76 16.27 -30.84 -9.81
C THR F 76 15.84 -32.04 -10.64
N ILE F 77 16.44 -32.20 -11.80
CA ILE F 77 16.27 -33.36 -12.66
C ILE F 77 17.53 -34.20 -12.54
N SER F 78 17.42 -35.34 -11.87
CA SER F 78 18.57 -36.17 -11.54
C SER F 78 18.69 -37.25 -12.61
N GLY F 79 19.54 -36.98 -13.61
CA GLY F 79 19.69 -37.85 -14.75
C GLY F 79 18.84 -37.52 -15.96
N VAL F 80 19.03 -36.31 -16.51
CA VAL F 80 18.18 -35.88 -17.61
C VAL F 80 18.12 -36.90 -18.74
N GLN F 81 16.91 -37.23 -19.15
CA GLN F 81 16.69 -38.08 -20.31
C GLN F 81 16.27 -37.24 -21.50
N ALA F 82 16.31 -37.84 -22.69
CA ALA F 82 15.99 -37.10 -23.90
C ALA F 82 14.57 -36.56 -23.87
N GLU F 83 13.64 -37.29 -23.26
CA GLU F 83 12.26 -36.83 -23.17
C GLU F 83 12.13 -35.58 -22.31
N ASP F 84 13.14 -35.28 -21.49
CA ASP F 84 13.07 -34.14 -20.60
C ASP F 84 13.34 -32.81 -21.29
N GLU F 85 13.86 -32.83 -22.52
CA GLU F 85 14.07 -31.60 -23.26
C GLU F 85 12.74 -30.90 -23.48
N ALA F 86 12.58 -29.71 -22.90
CA ALA F 86 11.27 -29.06 -22.90
C ALA F 86 11.32 -27.72 -22.19
N ASP F 87 10.19 -27.00 -22.17
CA ASP F 87 10.11 -25.77 -21.39
C ASP F 87 9.62 -26.08 -19.99
N TYR F 88 10.14 -25.35 -19.02
CA TYR F 88 9.84 -25.55 -17.62
C TYR F 88 9.42 -24.23 -17.00
N TRP F 89 8.32 -24.25 -16.25
CA TRP F 89 7.76 -23.05 -15.65
C TRP F 89 7.64 -23.23 -14.15
N CYS F 90 7.97 -22.18 -13.41
CA CYS F 90 7.73 -22.13 -11.98
C CYS F 90 6.56 -21.19 -11.71
N ALA F 91 5.77 -21.54 -10.70
CA ALA F 91 4.65 -20.72 -10.28
C ALA F 91 4.66 -20.64 -8.76
N SER F 92 4.13 -19.53 -8.25
CA SER F 92 3.95 -19.37 -6.81
C SER F 92 2.75 -18.47 -6.58
N TRP F 93 2.38 -18.31 -5.31
CA TRP F 93 1.27 -17.45 -4.92
C TRP F 93 1.81 -16.30 -4.09
N ASP F 94 1.56 -15.08 -4.54
CA ASP F 94 1.94 -13.88 -3.80
C ASP F 94 0.76 -13.42 -2.96
N VAL F 95 0.98 -13.30 -1.65
CA VAL F 95 -0.06 -12.93 -0.72
C VAL F 95 -0.28 -11.42 -0.66
N ASN F 96 0.69 -10.62 -1.11
CA ASN F 96 0.50 -9.17 -1.11
C ASN F 96 -0.37 -8.73 -2.28
N SER F 97 -0.32 -9.46 -3.40
CA SER F 97 -1.16 -9.19 -4.55
C SER F 97 -2.24 -10.24 -4.73
N ASP F 98 -2.38 -11.17 -3.79
CA ASP F 98 -3.32 -12.28 -3.87
C ASP F 98 -3.40 -12.81 -5.29
N SER F 99 -2.26 -13.22 -5.82
CA SER F 99 -2.22 -13.60 -7.22
C SER F 99 -1.15 -14.64 -7.47
N GLU F 100 -1.42 -15.49 -8.46
CA GLU F 100 -0.45 -16.51 -8.89
C GLU F 100 0.50 -15.89 -9.90
N VAL F 101 1.79 -16.07 -9.68
CA VAL F 101 2.83 -15.49 -10.52
C VAL F 101 3.64 -16.61 -11.13
N PHE F 102 3.91 -16.51 -12.43
CA PHE F 102 4.72 -17.47 -13.17
C PHE F 102 6.06 -16.83 -13.52
N GLY F 103 7.06 -17.68 -13.69
CA GLY F 103 8.34 -17.22 -14.20
C GLY F 103 8.33 -17.06 -15.70
N GLY F 104 9.42 -16.53 -16.23
CA GLY F 104 9.55 -16.34 -17.66
C GLY F 104 9.68 -17.62 -18.46
N GLY F 105 9.91 -18.75 -17.79
CA GLY F 105 10.12 -20.01 -18.48
C GLY F 105 11.59 -20.28 -18.71
N THR F 106 11.92 -21.56 -18.78
CA THR F 106 13.29 -22.02 -18.99
C THR F 106 13.29 -23.18 -19.96
N HIS F 107 14.04 -23.05 -21.06
CA HIS F 107 14.13 -24.12 -22.04
C HIS F 107 15.29 -25.04 -21.68
N LEU F 108 14.99 -26.30 -21.39
CA LEU F 108 15.99 -27.31 -21.10
C LEU F 108 16.29 -28.08 -22.39
N THR F 109 17.54 -27.99 -22.83
CA THR F 109 18.05 -28.69 -24.01
C THR F 109 18.90 -29.85 -23.54
N VAL F 110 18.40 -31.07 -23.69
CA VAL F 110 19.13 -32.28 -23.31
C VAL F 110 19.95 -32.74 -24.50
N ALA F 111 21.27 -32.63 -24.38
CA ALA F 111 22.19 -32.96 -25.45
C ALA F 111 22.97 -34.23 -25.13
N GLY F 112 23.61 -34.78 -26.15
CA GLY F 112 24.40 -35.98 -26.02
C GLY F 112 23.81 -37.22 -26.67
N GLY F 113 22.71 -37.10 -27.39
CA GLY F 113 22.11 -38.25 -28.03
C GLY F 113 22.86 -38.64 -29.29
N PRO F 114 22.43 -39.76 -29.89
CA PRO F 114 23.07 -40.20 -31.13
C PRO F 114 22.78 -39.24 -32.27
N THR F 115 23.74 -39.15 -33.19
CA THR F 115 23.62 -38.28 -34.35
C THR F 115 22.92 -39.00 -35.49
N SER F 116 22.07 -38.27 -36.21
CA SER F 116 21.35 -38.81 -37.36
C SER F 116 21.35 -37.77 -38.48
N ALA F 117 21.57 -38.24 -39.70
CA ALA F 117 21.58 -37.36 -40.86
C ALA F 117 20.16 -37.03 -41.30
N PRO F 118 19.94 -35.85 -41.88
CA PRO F 118 18.58 -35.45 -42.27
C PRO F 118 18.13 -36.09 -43.56
N SER F 119 16.91 -36.63 -43.54
CA SER F 119 16.21 -37.02 -44.76
C SER F 119 15.48 -35.81 -45.31
N VAL F 120 15.71 -35.50 -46.58
CA VAL F 120 15.10 -34.35 -47.25
C VAL F 120 14.04 -34.87 -48.21
N SER F 121 12.85 -34.29 -48.12
CA SER F 121 11.76 -34.62 -49.04
C SER F 121 11.26 -33.32 -49.65
N LEU F 122 11.39 -33.19 -50.97
CA LEU F 122 11.01 -31.98 -51.69
C LEU F 122 9.77 -32.27 -52.52
N PHE F 123 8.77 -31.39 -52.40
CA PHE F 123 7.48 -31.56 -53.04
C PHE F 123 7.16 -30.34 -53.90
N PRO F 124 6.67 -30.54 -55.12
CA PRO F 124 6.41 -29.42 -56.00
C PRO F 124 5.03 -28.85 -55.75
N PRO F 125 4.72 -27.71 -56.37
CA PRO F 125 3.36 -27.18 -56.27
C PRO F 125 2.35 -28.14 -56.89
N SER F 126 1.23 -28.33 -56.20
CA SER F 126 0.16 -29.17 -56.74
C SER F 126 -0.52 -28.46 -57.89
N SER F 127 -1.07 -29.26 -58.82
CA SER F 127 -1.79 -28.68 -59.95
C SER F 127 -3.01 -27.89 -59.49
N GLU F 128 -3.64 -28.30 -58.38
CA GLU F 128 -4.76 -27.53 -57.86
C GLU F 128 -4.31 -26.15 -57.42
N GLU F 129 -3.25 -26.10 -56.61
CA GLU F 129 -2.71 -24.82 -56.17
C GLU F 129 -2.31 -23.96 -57.37
N LEU F 130 -1.69 -24.57 -58.38
CA LEU F 130 -1.29 -23.82 -59.57
C LEU F 130 -2.48 -23.30 -60.36
N SER F 131 -3.63 -23.97 -60.27
CA SER F 131 -4.83 -23.43 -60.89
C SER F 131 -5.27 -22.10 -60.30
N ALA F 132 -4.67 -21.67 -59.18
CA ALA F 132 -4.98 -20.38 -58.57
C ALA F 132 -3.88 -19.35 -58.73
N ASN F 133 -2.92 -19.57 -59.64
CA ASN F 133 -1.80 -18.64 -59.79
C ASN F 133 -1.02 -18.59 -58.48
N LYS F 134 -0.79 -19.76 -57.90
CA LYS F 134 -0.02 -19.87 -56.67
C LYS F 134 0.83 -21.14 -56.74
N ALA F 135 2.09 -21.02 -56.28
CA ALA F 135 3.02 -22.13 -56.28
C ALA F 135 3.72 -22.17 -54.92
N THR F 136 3.68 -23.33 -54.27
CA THR F 136 4.33 -23.53 -52.98
C THR F 136 5.18 -24.79 -53.07
N VAL F 137 6.49 -24.63 -53.08
CA VAL F 137 7.43 -25.74 -53.00
C VAL F 137 7.69 -26.02 -51.53
N VAL F 138 7.62 -27.30 -51.15
CA VAL F 138 7.63 -27.70 -49.75
C VAL F 138 8.83 -28.61 -49.51
N CYS F 139 9.72 -28.21 -48.60
CA CYS F 139 10.88 -29.02 -48.23
C CYS F 139 10.69 -29.48 -46.79
N LEU F 140 10.65 -30.80 -46.60
CA LEU F 140 10.43 -31.40 -45.29
C LEU F 140 11.67 -32.20 -44.91
N ILE F 141 12.35 -31.76 -43.85
CA ILE F 141 13.55 -32.40 -43.32
C ILE F 141 13.16 -33.18 -42.08
N SER F 142 13.66 -34.41 -41.97
CA SER F 142 13.22 -35.29 -40.90
C SER F 142 14.36 -36.19 -40.43
N ASP F 143 14.21 -36.70 -39.21
CA ASP F 143 15.10 -37.73 -38.66
C ASP F 143 16.54 -37.24 -38.61
N PHE F 144 16.75 -36.07 -38.00
CA PHE F 144 18.09 -35.53 -37.82
C PHE F 144 18.28 -35.10 -36.38
N SER F 145 19.50 -35.34 -35.87
CA SER F 145 19.91 -34.93 -34.54
C SER F 145 21.39 -34.61 -34.62
N PRO F 146 21.86 -33.51 -34.01
CA PRO F 146 21.15 -32.58 -33.12
C PRO F 146 20.16 -31.68 -33.88
N SER F 147 19.53 -30.75 -33.14
CA SER F 147 18.42 -29.97 -33.69
C SER F 147 18.85 -28.95 -34.74
N GLY F 148 20.10 -28.50 -34.74
CA GLY F 148 20.46 -27.34 -35.56
C GLY F 148 20.78 -27.74 -36.98
N LEU F 149 20.35 -26.89 -37.92
CA LEU F 149 20.66 -27.07 -39.32
C LEU F 149 20.44 -25.75 -40.07
N GLU F 150 20.82 -25.75 -41.34
CA GLU F 150 20.62 -24.62 -42.23
C GLU F 150 19.90 -25.09 -43.48
N VAL F 151 18.93 -24.29 -43.94
CA VAL F 151 18.18 -24.58 -45.16
C VAL F 151 18.52 -23.52 -46.18
N ILE F 152 18.71 -23.95 -47.43
CA ILE F 152 19.11 -23.06 -48.51
C ILE F 152 18.25 -23.39 -49.73
N TRP F 153 17.46 -22.43 -50.17
CA TRP F 153 16.72 -22.59 -51.42
C TRP F 153 17.53 -22.05 -52.58
N LYS F 154 17.36 -22.67 -53.74
CA LYS F 154 18.00 -22.19 -54.96
C LYS F 154 17.01 -22.25 -56.12
N VAL F 155 16.86 -21.15 -56.83
CA VAL F 155 16.10 -21.13 -58.07
C VAL F 155 17.11 -21.27 -59.20
N ASN F 156 16.81 -22.16 -60.16
CA ASN F 156 17.84 -22.61 -61.08
C ASN F 156 18.89 -23.21 -60.15
N ASP F 157 20.12 -22.70 -60.18
CA ASP F 157 21.16 -23.16 -59.25
C ASP F 157 21.70 -22.06 -58.36
N ALA F 158 21.12 -20.86 -58.43
CA ALA F 158 21.50 -19.74 -57.58
C ALA F 158 20.69 -19.70 -56.30
N VAL F 159 21.32 -19.22 -55.24
CA VAL F 159 20.68 -19.12 -53.93
C VAL F 159 19.70 -17.95 -53.93
N THR F 160 18.50 -18.19 -53.42
CA THR F 160 17.45 -17.18 -53.31
C THR F 160 16.98 -17.05 -51.86
N ASN F 161 16.59 -15.83 -51.49
CA ASN F 161 16.10 -15.56 -50.14
C ASN F 161 14.76 -14.83 -50.12
N ASP F 162 14.11 -14.64 -51.26
CA ASP F 162 12.80 -13.98 -51.27
C ASP F 162 11.69 -15.02 -51.19
N ARG F 163 10.65 -14.68 -50.46
CA ARG F 163 9.52 -15.57 -50.17
C ARG F 163 10.00 -16.97 -49.79
N VAL F 164 10.86 -17.01 -48.77
CA VAL F 164 11.33 -18.25 -48.16
C VAL F 164 10.94 -18.22 -46.70
N GLN F 165 10.27 -19.27 -46.22
CA GLN F 165 9.86 -19.32 -44.82
C GLN F 165 10.15 -20.70 -44.24
N THR F 166 11.07 -20.77 -43.28
CA THR F 166 11.42 -22.01 -42.62
C THR F 166 10.91 -22.00 -41.18
N THR F 167 10.53 -23.18 -40.70
CA THR F 167 10.09 -23.35 -39.32
C THR F 167 11.25 -23.86 -38.47
N ARG F 168 11.24 -23.45 -37.20
CA ARG F 168 12.29 -23.88 -36.29
C ARG F 168 12.16 -25.39 -36.03
N PRO F 169 13.27 -26.12 -36.00
CA PRO F 169 13.18 -27.58 -35.77
C PRO F 169 12.40 -27.93 -34.51
N SER F 170 11.73 -29.08 -34.56
CA SER F 170 10.91 -29.57 -33.46
C SER F 170 11.07 -31.08 -33.39
N LYS F 171 10.98 -31.62 -32.18
CA LYS F 171 11.18 -33.05 -31.98
C LYS F 171 10.07 -33.84 -32.65
N GLN F 172 10.41 -35.05 -33.08
CA GLN F 172 9.45 -35.99 -33.64
C GLN F 172 9.03 -36.97 -32.53
N SER F 173 8.10 -37.86 -32.87
CA SER F 173 7.67 -38.84 -31.87
C SER F 173 8.79 -39.81 -31.53
N ASN F 174 9.70 -40.07 -32.48
CA ASN F 174 10.79 -41.01 -32.24
C ASN F 174 11.94 -40.38 -31.46
N GLY F 175 11.99 -39.06 -31.35
CA GLY F 175 13.03 -38.35 -30.63
C GLY F 175 13.95 -37.51 -31.48
N LYS F 176 13.98 -37.73 -32.79
CA LYS F 176 14.78 -36.90 -33.67
C LYS F 176 14.04 -35.60 -33.98
N TYR F 177 14.62 -34.77 -34.84
CA TYR F 177 14.08 -33.46 -35.14
C TYR F 177 13.63 -33.38 -36.59
N ALA F 178 12.76 -32.40 -36.87
CA ALA F 178 12.20 -32.20 -38.19
C ALA F 178 11.99 -30.71 -38.41
N ALA F 179 12.02 -30.29 -39.66
CA ALA F 179 11.82 -28.88 -40.01
C ALA F 179 11.14 -28.80 -41.37
N SER F 180 10.49 -27.68 -41.62
CA SER F 180 9.78 -27.45 -42.87
C SER F 180 10.16 -26.08 -43.43
N SER F 181 10.35 -26.02 -44.74
CA SER F 181 10.63 -24.78 -45.44
C SER F 181 9.70 -24.65 -46.65
N TYR F 182 9.24 -23.43 -46.89
CA TYR F 182 8.28 -23.13 -47.94
C TYR F 182 8.86 -22.08 -48.87
N LEU F 183 8.86 -22.38 -50.17
CA LEU F 183 9.23 -21.44 -51.22
C LEU F 183 7.95 -21.06 -51.96
N THR F 184 7.56 -19.79 -51.87
CA THR F 184 6.31 -19.31 -52.44
C THR F 184 6.61 -18.47 -53.68
N ARG F 185 5.99 -18.84 -54.80
CA ARG F 185 6.12 -18.11 -56.04
C ARG F 185 4.76 -18.04 -56.73
N THR F 186 4.69 -17.23 -57.78
CA THR F 186 3.53 -17.23 -58.65
C THR F 186 3.64 -18.40 -59.62
N SER F 187 2.49 -18.91 -60.05
CA SER F 187 2.47 -20.07 -60.94
C SER F 187 3.36 -19.83 -62.15
N THR F 188 3.32 -18.63 -62.71
CA THR F 188 4.18 -18.31 -63.86
C THR F 188 5.65 -18.41 -63.49
N GLU F 189 6.02 -17.87 -62.32
CA GLU F 189 7.40 -17.97 -61.86
C GLU F 189 7.85 -19.42 -61.78
N TRP F 190 7.02 -20.27 -61.17
CA TRP F 190 7.38 -21.68 -61.03
C TRP F 190 7.55 -22.33 -62.41
N LYS F 191 6.52 -22.22 -63.26
CA LYS F 191 6.57 -22.87 -64.56
C LYS F 191 7.67 -22.31 -65.46
N SER F 192 8.21 -21.14 -65.11
CA SER F 192 9.32 -20.58 -65.88
C SER F 192 10.67 -21.07 -65.42
N TYR F 193 10.80 -21.42 -64.14
CA TYR F 193 12.08 -21.87 -63.61
C TYR F 193 12.54 -23.16 -64.27
N SER F 194 13.86 -23.28 -64.43
CA SER F 194 14.44 -24.51 -64.94
C SER F 194 14.56 -25.57 -63.85
N SER F 195 14.97 -25.17 -62.65
CA SER F 195 15.16 -26.12 -61.56
C SER F 195 15.17 -25.39 -60.23
N VAL F 196 14.36 -25.87 -59.30
CA VAL F 196 14.37 -25.44 -57.91
C VAL F 196 15.14 -26.48 -57.11
N SER F 197 15.73 -26.05 -55.99
CA SER F 197 16.53 -26.94 -55.17
C SER F 197 16.40 -26.55 -53.70
N CYS F 198 16.40 -27.57 -52.84
CA CYS F 198 16.40 -27.40 -51.40
C CYS F 198 17.63 -28.12 -50.86
N GLN F 199 18.51 -27.37 -50.19
CA GLN F 199 19.75 -27.88 -49.66
C GLN F 199 19.72 -27.78 -48.15
N VAL F 200 20.23 -28.80 -47.48
CA VAL F 200 20.23 -28.87 -46.02
C VAL F 200 21.67 -29.07 -45.57
N LYS F 201 22.14 -28.20 -44.69
CA LYS F 201 23.46 -28.30 -44.10
C LYS F 201 23.30 -28.68 -42.64
N HIS F 202 23.94 -29.78 -42.25
CA HIS F 202 23.76 -30.33 -40.90
C HIS F 202 25.00 -31.13 -40.53
N GLN F 203 25.62 -30.78 -39.41
CA GLN F 203 26.78 -31.51 -38.90
C GLN F 203 27.85 -31.68 -39.97
N GLY F 204 28.06 -30.62 -40.76
CA GLY F 204 29.08 -30.63 -41.79
C GLY F 204 28.69 -31.30 -43.09
N LYS F 205 27.60 -32.06 -43.11
CA LYS F 205 27.13 -32.70 -44.32
C LYS F 205 26.11 -31.83 -45.04
N THR F 206 25.96 -32.07 -46.34
CA THR F 206 25.02 -31.35 -47.17
C THR F 206 24.18 -32.33 -47.97
N VAL F 207 22.86 -32.17 -47.90
CA VAL F 207 21.91 -33.03 -48.60
C VAL F 207 21.01 -32.12 -49.44
N GLU F 208 21.11 -32.26 -50.76
CA GLU F 208 20.34 -31.43 -51.70
C GLU F 208 19.35 -32.28 -52.48
N LYS F 209 18.12 -31.79 -52.60
CA LYS F 209 17.11 -32.37 -53.48
C LYS F 209 16.63 -31.32 -54.46
N LYS F 210 16.26 -31.76 -55.67
CA LYS F 210 15.93 -30.86 -56.76
C LYS F 210 14.61 -31.24 -57.41
N LEU F 211 13.91 -30.22 -57.92
CA LEU F 211 12.66 -30.37 -58.65
C LEU F 211 12.71 -29.50 -59.90
N SER F 212 11.88 -29.85 -60.88
CA SER F 212 11.73 -29.04 -62.08
C SER F 212 10.26 -29.02 -62.50
N PRO F 213 9.79 -27.90 -63.05
CA PRO F 213 8.38 -27.81 -63.44
C PRO F 213 8.03 -28.80 -64.54
N SER F 214 6.80 -29.32 -64.47
CA SER F 214 6.29 -30.24 -65.47
C SER F 214 4.85 -29.90 -65.78
N GLU F 215 4.35 -30.48 -66.87
CA GLU F 215 2.94 -30.38 -67.25
C GLU F 215 2.20 -31.67 -66.92
N CYS F 216 2.34 -32.14 -65.68
CA CYS F 216 1.80 -33.43 -65.31
C CYS F 216 0.28 -33.34 -65.11
#